data_5YIU
# 
_entry.id   5YIU 
# 
_audit_conform.dict_name       mmcif_pdbx.dic 
_audit_conform.dict_version    5.380 
_audit_conform.dict_location   http://mmcif.pdb.org/dictionaries/ascii/mmcif_pdbx.dic 
# 
loop_
_database_2.database_id 
_database_2.database_code 
_database_2.pdbx_database_accession 
_database_2.pdbx_DOI 
PDB   5YIU         pdb_00005yiu 10.2210/pdb5yiu/pdb 
WWPDB D_1300005308 ?            ?                   
# 
_pdbx_database_status.status_code                     REL 
_pdbx_database_status.status_code_sf                  REL 
_pdbx_database_status.status_code_mr                  ? 
_pdbx_database_status.entry_id                        5YIU 
_pdbx_database_status.recvd_initial_deposition_date   2017-10-06 
_pdbx_database_status.SG_entry                        N 
_pdbx_database_status.deposit_site                    PDBJ 
_pdbx_database_status.process_site                    PDBJ 
_pdbx_database_status.status_code_cs                  ? 
_pdbx_database_status.methods_development_category    ? 
_pdbx_database_status.pdb_format_compatible           Y 
_pdbx_database_status.status_code_nmr_data            ? 
# 
loop_
_audit_author.name 
_audit_author.pdbx_ordinal 
_audit_author.identifier_ORCID 
'Wu, X.'    1 ? 
'Zhang, Y.' 2 ? 
# 
_citation.abstract                  ? 
_citation.abstract_id_CAS           ? 
_citation.book_id_ISBN              ? 
_citation.book_publisher            ? 
_citation.book_publisher_city       ? 
_citation.book_title                ? 
_citation.coordinate_linkage        ? 
_citation.country                   UK 
_citation.database_id_Medline       ? 
_citation.details                   ? 
_citation.id                        primary 
_citation.journal_abbrev            'Nucleic Acids Res.' 
_citation.journal_id_ASTM           NARHAD 
_citation.journal_id_CSD            0389 
_citation.journal_id_ISSN           1362-4962 
_citation.journal_full              ? 
_citation.journal_issue             ? 
_citation.journal_volume            46 
_citation.language                  ? 
_citation.page_first                3245 
_citation.page_last                 3256 
_citation.title                     
'Structural insights into the unique mechanism of transcription activation by Caulobacter crescentus GcrA.' 
_citation.year                      2018 
_citation.database_id_CSD           ? 
_citation.pdbx_database_id_DOI      10.1093/nar/gky161 
_citation.pdbx_database_id_PubMed   29514271 
_citation.unpublished_flag          ? 
# 
loop_
_citation_author.citation_id 
_citation_author.name 
_citation_author.ordinal 
_citation_author.identifier_ORCID 
primary 'Wu, X.'          1 ? 
primary 'Haakonsen, D.L.' 2 ? 
primary 'Sanderlin, A.G.' 3 ? 
primary 'Liu, Y.J.'       4 ? 
primary 'Shen, L.'        5 ? 
primary 'Zhuang, N.'      6 ? 
primary 'Laub, M.T.'      7 ? 
primary 'Zhang, Y.'       8 ? 
# 
_cell.angle_alpha                  90.00 
_cell.angle_alpha_esd              ? 
_cell.angle_beta                   90.00 
_cell.angle_beta_esd               ? 
_cell.angle_gamma                  90.00 
_cell.angle_gamma_esd              ? 
_cell.entry_id                     5YIU 
_cell.details                      ? 
_cell.formula_units_Z              ? 
_cell.length_a                     30.410 
_cell.length_a_esd                 ? 
_cell.length_b                     37.100 
_cell.length_b_esd                 ? 
_cell.length_c                     40.800 
_cell.length_c_esd                 ? 
_cell.volume                       ? 
_cell.volume_esd                   ? 
_cell.Z_PDB                        4 
_cell.reciprocal_angle_alpha       ? 
_cell.reciprocal_angle_beta        ? 
_cell.reciprocal_angle_gamma       ? 
_cell.reciprocal_angle_alpha_esd   ? 
_cell.reciprocal_angle_beta_esd    ? 
_cell.reciprocal_angle_gamma_esd   ? 
_cell.reciprocal_length_a          ? 
_cell.reciprocal_length_b          ? 
_cell.reciprocal_length_c          ? 
_cell.reciprocal_length_a_esd      ? 
_cell.reciprocal_length_b_esd      ? 
_cell.reciprocal_length_c_esd      ? 
_cell.pdbx_unique_axis             ? 
# 
_symmetry.entry_id                         5YIU 
_symmetry.cell_setting                     ? 
_symmetry.Int_Tables_number                19 
_symmetry.space_group_name_Hall            ? 
_symmetry.space_group_name_H-M             'P 21 21 21' 
_symmetry.pdbx_full_space_group_name_H-M   ? 
# 
loop_
_entity.id 
_entity.type 
_entity.src_method 
_entity.pdbx_description 
_entity.formula_weight 
_entity.pdbx_number_of_molecules 
_entity.pdbx_ec 
_entity.pdbx_mutation 
_entity.pdbx_fragment 
_entity.details 
1 polymer man 'Cell cycle regulatory protein GcrA' 5317.199 1  ? ? 'DNA-binding domain (DBD)' ? 
2 water   nat water                                18.015   50 ? ? ?                          ? 
# 
_entity_poly.entity_id                      1 
_entity_poly.type                           'polypeptide(L)' 
_entity_poly.nstd_linkage                   no 
_entity_poly.nstd_monomer                   no 
_entity_poly.pdbx_seq_one_letter_code       GAMDMSWTDERVSTLKKLWLDGLSASQIAKQLGGVTRNAVIGKVHRLGL 
_entity_poly.pdbx_seq_one_letter_code_can   GAMDMSWTDERVSTLKKLWLDGLSASQIAKQLGGVTRNAVIGKVHRLGL 
_entity_poly.pdbx_strand_id                 A 
_entity_poly.pdbx_target_identifier         ? 
# 
loop_
_entity_poly_seq.entity_id 
_entity_poly_seq.num 
_entity_poly_seq.mon_id 
_entity_poly_seq.hetero 
1 1  GLY n 
1 2  ALA n 
1 3  MET n 
1 4  ASP n 
1 5  MET n 
1 6  SER n 
1 7  TRP n 
1 8  THR n 
1 9  ASP n 
1 10 GLU n 
1 11 ARG n 
1 12 VAL n 
1 13 SER n 
1 14 THR n 
1 15 LEU n 
1 16 LYS n 
1 17 LYS n 
1 18 LEU n 
1 19 TRP n 
1 20 LEU n 
1 21 ASP n 
1 22 GLY n 
1 23 LEU n 
1 24 SER n 
1 25 ALA n 
1 26 SER n 
1 27 GLN n 
1 28 ILE n 
1 29 ALA n 
1 30 LYS n 
1 31 GLN n 
1 32 LEU n 
1 33 GLY n 
1 34 GLY n 
1 35 VAL n 
1 36 THR n 
1 37 ARG n 
1 38 ASN n 
1 39 ALA n 
1 40 VAL n 
1 41 ILE n 
1 42 GLY n 
1 43 LYS n 
1 44 VAL n 
1 45 HIS n 
1 46 ARG n 
1 47 LEU n 
1 48 GLY n 
1 49 LEU n 
# 
_entity_src_gen.entity_id                          1 
_entity_src_gen.pdbx_src_id                        1 
_entity_src_gen.pdbx_alt_source_flag               sample 
_entity_src_gen.pdbx_seq_type                      'Biological sequence' 
_entity_src_gen.pdbx_beg_seq_num                   1 
_entity_src_gen.pdbx_end_seq_num                   49 
_entity_src_gen.gene_src_common_name               ? 
_entity_src_gen.gene_src_genus                     ? 
_entity_src_gen.pdbx_gene_src_gene                 'gcrA, CCNA_02328' 
_entity_src_gen.gene_src_species                   ? 
_entity_src_gen.gene_src_strain                    'NA1000 / CB15N' 
_entity_src_gen.gene_src_tissue                    ? 
_entity_src_gen.gene_src_tissue_fraction           ? 
_entity_src_gen.gene_src_details                   ? 
_entity_src_gen.pdbx_gene_src_fragment             ? 
_entity_src_gen.pdbx_gene_src_scientific_name      'Caulobacter crescentus (strain NA1000 / CB15N)' 
_entity_src_gen.pdbx_gene_src_ncbi_taxonomy_id     565050 
_entity_src_gen.pdbx_gene_src_variant              ? 
_entity_src_gen.pdbx_gene_src_cell_line            ? 
_entity_src_gen.pdbx_gene_src_atcc                 ? 
_entity_src_gen.pdbx_gene_src_organ                ? 
_entity_src_gen.pdbx_gene_src_organelle            ? 
_entity_src_gen.pdbx_gene_src_cell                 ? 
_entity_src_gen.pdbx_gene_src_cellular_location    ? 
_entity_src_gen.host_org_common_name               ? 
_entity_src_gen.pdbx_host_org_scientific_name      'Escherichia coli BL21(DE3)' 
_entity_src_gen.pdbx_host_org_ncbi_taxonomy_id     469008 
_entity_src_gen.host_org_genus                     ? 
_entity_src_gen.pdbx_host_org_gene                 ? 
_entity_src_gen.pdbx_host_org_organ                ? 
_entity_src_gen.host_org_species                   ? 
_entity_src_gen.pdbx_host_org_tissue               ? 
_entity_src_gen.pdbx_host_org_tissue_fraction      ? 
_entity_src_gen.pdbx_host_org_strain               'BL21(DE3)' 
_entity_src_gen.pdbx_host_org_variant              ? 
_entity_src_gen.pdbx_host_org_cell_line            ? 
_entity_src_gen.pdbx_host_org_atcc                 ? 
_entity_src_gen.pdbx_host_org_culture_collection   ? 
_entity_src_gen.pdbx_host_org_cell                 ? 
_entity_src_gen.pdbx_host_org_organelle            ? 
_entity_src_gen.pdbx_host_org_cellular_location    ? 
_entity_src_gen.pdbx_host_org_vector_type          plasmid 
_entity_src_gen.pdbx_host_org_vector               ? 
_entity_src_gen.host_org_details                   ? 
_entity_src_gen.expression_system_id               ? 
_entity_src_gen.plasmid_name                       pET28a 
_entity_src_gen.plasmid_details                    ? 
_entity_src_gen.pdbx_description                   ? 
# 
_struct_ref.id                         1 
_struct_ref.db_name                    UNP 
_struct_ref.db_code                    A0A0H3C9J4_CAUCN 
_struct_ref.pdbx_db_accession          A0A0H3C9J4 
_struct_ref.pdbx_db_isoform            ? 
_struct_ref.entity_id                  1 
_struct_ref.pdbx_seq_one_letter_code   MSWTDERVSTLKKLWLDGLSASQIAKQLGGVTRNAVIGKVHRLGL 
_struct_ref.pdbx_align_begin           1 
# 
_struct_ref_seq.align_id                      1 
_struct_ref_seq.ref_id                        1 
_struct_ref_seq.pdbx_PDB_id_code              5YIU 
_struct_ref_seq.pdbx_strand_id                A 
_struct_ref_seq.seq_align_beg                 5 
_struct_ref_seq.pdbx_seq_align_beg_ins_code   ? 
_struct_ref_seq.seq_align_end                 49 
_struct_ref_seq.pdbx_seq_align_end_ins_code   ? 
_struct_ref_seq.pdbx_db_accession             A0A0H3C9J4 
_struct_ref_seq.db_align_beg                  1 
_struct_ref_seq.pdbx_db_align_beg_ins_code    ? 
_struct_ref_seq.db_align_end                  45 
_struct_ref_seq.pdbx_db_align_end_ins_code    ? 
_struct_ref_seq.pdbx_auth_seq_align_beg       1 
_struct_ref_seq.pdbx_auth_seq_align_end       45 
# 
loop_
_struct_ref_seq_dif.align_id 
_struct_ref_seq_dif.pdbx_pdb_id_code 
_struct_ref_seq_dif.mon_id 
_struct_ref_seq_dif.pdbx_pdb_strand_id 
_struct_ref_seq_dif.seq_num 
_struct_ref_seq_dif.pdbx_pdb_ins_code 
_struct_ref_seq_dif.pdbx_seq_db_name 
_struct_ref_seq_dif.pdbx_seq_db_accession_code 
_struct_ref_seq_dif.db_mon_id 
_struct_ref_seq_dif.pdbx_seq_db_seq_num 
_struct_ref_seq_dif.details 
_struct_ref_seq_dif.pdbx_auth_seq_num 
_struct_ref_seq_dif.pdbx_ordinal 
1 5YIU GLY A 1 ? UNP A0A0H3C9J4 ? ? 'expression tag' -3 1 
1 5YIU ALA A 2 ? UNP A0A0H3C9J4 ? ? 'expression tag' -2 2 
1 5YIU MET A 3 ? UNP A0A0H3C9J4 ? ? 'expression tag' -1 3 
1 5YIU ASP A 4 ? UNP A0A0H3C9J4 ? ? 'expression tag' 0  4 
# 
loop_
_chem_comp.id 
_chem_comp.type 
_chem_comp.mon_nstd_flag 
_chem_comp.name 
_chem_comp.pdbx_synonyms 
_chem_comp.formula 
_chem_comp.formula_weight 
ALA 'L-peptide linking' y ALANINE         ? 'C3 H7 N O2'     89.093  
ARG 'L-peptide linking' y ARGININE        ? 'C6 H15 N4 O2 1' 175.209 
ASN 'L-peptide linking' y ASPARAGINE      ? 'C4 H8 N2 O3'    132.118 
ASP 'L-peptide linking' y 'ASPARTIC ACID' ? 'C4 H7 N O4'     133.103 
GLN 'L-peptide linking' y GLUTAMINE       ? 'C5 H10 N2 O3'   146.144 
GLU 'L-peptide linking' y 'GLUTAMIC ACID' ? 'C5 H9 N O4'     147.129 
GLY 'peptide linking'   y GLYCINE         ? 'C2 H5 N O2'     75.067  
HIS 'L-peptide linking' y HISTIDINE       ? 'C6 H10 N3 O2 1' 156.162 
HOH non-polymer         . WATER           ? 'H2 O'           18.015  
ILE 'L-peptide linking' y ISOLEUCINE      ? 'C6 H13 N O2'    131.173 
LEU 'L-peptide linking' y LEUCINE         ? 'C6 H13 N O2'    131.173 
LYS 'L-peptide linking' y LYSINE          ? 'C6 H15 N2 O2 1' 147.195 
MET 'L-peptide linking' y METHIONINE      ? 'C5 H11 N O2 S'  149.211 
SER 'L-peptide linking' y SERINE          ? 'C3 H7 N O3'     105.093 
THR 'L-peptide linking' y THREONINE       ? 'C4 H9 N O3'     119.119 
TRP 'L-peptide linking' y TRYPTOPHAN      ? 'C11 H12 N2 O2'  204.225 
VAL 'L-peptide linking' y VALINE          ? 'C5 H11 N O2'    117.146 
# 
_exptl.absorpt_coefficient_mu     ? 
_exptl.absorpt_correction_T_max   ? 
_exptl.absorpt_correction_T_min   ? 
_exptl.absorpt_correction_type    ? 
_exptl.absorpt_process_details    ? 
_exptl.entry_id                   5YIU 
_exptl.crystals_number            1 
_exptl.details                    ? 
_exptl.method                     'X-RAY DIFFRACTION' 
_exptl.method_details             ? 
# 
_exptl_crystal.colour                      ? 
_exptl_crystal.density_diffrn              ? 
_exptl_crystal.density_Matthews            2.16 
_exptl_crystal.density_method              ? 
_exptl_crystal.density_percent_sol         43.17 
_exptl_crystal.description                 ? 
_exptl_crystal.F_000                       ? 
_exptl_crystal.id                          1 
_exptl_crystal.preparation                 ? 
_exptl_crystal.size_max                    ? 
_exptl_crystal.size_mid                    ? 
_exptl_crystal.size_min                    ? 
_exptl_crystal.size_rad                    ? 
_exptl_crystal.colour_lustre               ? 
_exptl_crystal.colour_modifier             ? 
_exptl_crystal.colour_primary              ? 
_exptl_crystal.density_meas                ? 
_exptl_crystal.density_meas_esd            ? 
_exptl_crystal.density_meas_gt             ? 
_exptl_crystal.density_meas_lt             ? 
_exptl_crystal.density_meas_temp           ? 
_exptl_crystal.density_meas_temp_esd       ? 
_exptl_crystal.density_meas_temp_gt        ? 
_exptl_crystal.density_meas_temp_lt        ? 
_exptl_crystal.pdbx_crystal_image_url      ? 
_exptl_crystal.pdbx_crystal_image_format   ? 
_exptl_crystal.pdbx_mosaicity              ? 
_exptl_crystal.pdbx_mosaicity_esd          ? 
# 
_exptl_crystal_grow.apparatus       ? 
_exptl_crystal_grow.atmosphere      ? 
_exptl_crystal_grow.crystal_id      1 
_exptl_crystal_grow.details         ? 
_exptl_crystal_grow.method          'VAPOR DIFFUSION, HANGING DROP' 
_exptl_crystal_grow.method_ref      ? 
_exptl_crystal_grow.pH              ? 
_exptl_crystal_grow.pressure        ? 
_exptl_crystal_grow.pressure_esd    ? 
_exptl_crystal_grow.seeding         ? 
_exptl_crystal_grow.seeding_ref     ? 
_exptl_crystal_grow.temp            295 
_exptl_crystal_grow.temp_details    ? 
_exptl_crystal_grow.temp_esd        ? 
_exptl_crystal_grow.time            ? 
_exptl_crystal_grow.pdbx_details    '1.4M sodium citrate, 1M HEPES sodium, pH7.5' 
_exptl_crystal_grow.pdbx_pH_range   ? 
# 
_diffrn.ambient_environment    ? 
_diffrn.ambient_temp           100 
_diffrn.ambient_temp_details   ? 
_diffrn.ambient_temp_esd       ? 
_diffrn.crystal_id             1 
_diffrn.crystal_support        ? 
_diffrn.crystal_treatment      ? 
_diffrn.details                ? 
_diffrn.id                     1 
_diffrn.ambient_pressure       ? 
_diffrn.ambient_pressure_esd   ? 
_diffrn.ambient_pressure_gt    ? 
_diffrn.ambient_pressure_lt    ? 
_diffrn.ambient_temp_gt        ? 
_diffrn.ambient_temp_lt        ? 
# 
_diffrn_detector.details                      ? 
_diffrn_detector.detector                     PIXEL 
_diffrn_detector.diffrn_id                    1 
_diffrn_detector.type                         'DECTRIS PILATUS3 S 6M' 
_diffrn_detector.area_resol_mean              ? 
_diffrn_detector.dtime                        ? 
_diffrn_detector.pdbx_frames_total            ? 
_diffrn_detector.pdbx_collection_time_total   ? 
_diffrn_detector.pdbx_collection_date         2016-03-17 
# 
_diffrn_radiation.collimation                      ? 
_diffrn_radiation.diffrn_id                        1 
_diffrn_radiation.filter_edge                      ? 
_diffrn_radiation.inhomogeneity                    ? 
_diffrn_radiation.monochromator                    ? 
_diffrn_radiation.polarisn_norm                    ? 
_diffrn_radiation.polarisn_ratio                   ? 
_diffrn_radiation.probe                            ? 
_diffrn_radiation.type                             ? 
_diffrn_radiation.xray_symbol                      ? 
_diffrn_radiation.wavelength_id                    1 
_diffrn_radiation.pdbx_monochromatic_or_laue_m_l   M 
_diffrn_radiation.pdbx_wavelength_list             ? 
_diffrn_radiation.pdbx_wavelength                  ? 
_diffrn_radiation.pdbx_diffrn_protocol             'SINGLE WAVELENGTH' 
_diffrn_radiation.pdbx_analyzer                    ? 
_diffrn_radiation.pdbx_scattering_type             x-ray 
# 
_diffrn_radiation_wavelength.id           1 
_diffrn_radiation_wavelength.wavelength   0.978 
_diffrn_radiation_wavelength.wt           1.0 
# 
_diffrn_source.current                     ? 
_diffrn_source.details                     ? 
_diffrn_source.diffrn_id                   1 
_diffrn_source.power                       ? 
_diffrn_source.size                        ? 
_diffrn_source.source                      SYNCHROTRON 
_diffrn_source.target                      ? 
_diffrn_source.type                        'SSRF BEAMLINE BL18U1' 
_diffrn_source.voltage                     ? 
_diffrn_source.take-off_angle              ? 
_diffrn_source.pdbx_wavelength_list        0.978 
_diffrn_source.pdbx_wavelength             ? 
_diffrn_source.pdbx_synchrotron_beamline   BL18U1 
_diffrn_source.pdbx_synchrotron_site       SSRF 
# 
_reflns.B_iso_Wilson_estimate            10.25 
_reflns.entry_id                         5YIU 
_reflns.data_reduction_details           ? 
_reflns.data_reduction_method            ? 
_reflns.d_resolution_high                1.42 
_reflns.d_resolution_low                 50 
_reflns.details                          ? 
_reflns.limit_h_max                      ? 
_reflns.limit_h_min                      ? 
_reflns.limit_k_max                      ? 
_reflns.limit_k_min                      ? 
_reflns.limit_l_max                      ? 
_reflns.limit_l_min                      ? 
_reflns.number_all                       ? 
_reflns.number_obs                       9567 
_reflns.observed_criterion               ? 
_reflns.observed_criterion_F_max         ? 
_reflns.observed_criterion_F_min         ? 
_reflns.observed_criterion_I_max         ? 
_reflns.observed_criterion_I_min         ? 
_reflns.observed_criterion_sigma_F       ? 
_reflns.observed_criterion_sigma_I       ? 
_reflns.percent_possible_obs             99.9 
_reflns.R_free_details                   ? 
_reflns.Rmerge_F_all                     ? 
_reflns.Rmerge_F_obs                     ? 
_reflns.Friedel_coverage                 ? 
_reflns.number_gt                        ? 
_reflns.threshold_expression             ? 
_reflns.pdbx_redundancy                  6.2 
_reflns.pdbx_Rmerge_I_obs                0.08 
_reflns.pdbx_Rmerge_I_all                ? 
_reflns.pdbx_Rsym_value                  0.08 
_reflns.pdbx_netI_over_av_sigmaI         ? 
_reflns.pdbx_netI_over_sigmaI            20.9 
_reflns.pdbx_res_netI_over_av_sigmaI_2   ? 
_reflns.pdbx_res_netI_over_sigmaI_2      ? 
_reflns.pdbx_chi_squared                 1.01 
_reflns.pdbx_scaling_rejects             ? 
_reflns.pdbx_d_res_high_opt              ? 
_reflns.pdbx_d_res_low_opt               ? 
_reflns.pdbx_d_res_opt_method            ? 
_reflns.phase_calculation_details        ? 
_reflns.pdbx_Rrim_I_all                  0.09 
_reflns.pdbx_Rpim_I_all                  0.04 
_reflns.pdbx_d_opt                       ? 
_reflns.pdbx_number_measured_all         ? 
_reflns.pdbx_diffrn_id                   1 
_reflns.pdbx_ordinal                     1 
_reflns.pdbx_CC_half                     ? 
_reflns.pdbx_R_split                     ? 
# 
_reflns_shell.d_res_high                  1.42 
_reflns_shell.d_res_low                   1.50 
_reflns_shell.meanI_over_sigI_all         ? 
_reflns_shell.meanI_over_sigI_obs         14.9 
_reflns_shell.number_measured_all         ? 
_reflns_shell.number_measured_obs         ? 
_reflns_shell.number_possible             ? 
_reflns_shell.number_unique_all           ? 
_reflns_shell.number_unique_obs           467 
_reflns_shell.percent_possible_all        99.6 
_reflns_shell.percent_possible_obs        ? 
_reflns_shell.Rmerge_F_all                ? 
_reflns_shell.Rmerge_F_obs                ? 
_reflns_shell.Rmerge_I_all                ? 
_reflns_shell.Rmerge_I_obs                0.12 
_reflns_shell.meanI_over_sigI_gt          ? 
_reflns_shell.meanI_over_uI_all           ? 
_reflns_shell.meanI_over_uI_gt            ? 
_reflns_shell.number_measured_gt          ? 
_reflns_shell.number_unique_gt            ? 
_reflns_shell.percent_possible_gt         ? 
_reflns_shell.Rmerge_F_gt                 ? 
_reflns_shell.Rmerge_I_gt                 ? 
_reflns_shell.pdbx_redundancy             6.1 
_reflns_shell.pdbx_Rsym_value             0.12 
_reflns_shell.pdbx_chi_squared            0.97 
_reflns_shell.pdbx_netI_over_sigmaI_all   ? 
_reflns_shell.pdbx_netI_over_sigmaI_obs   ? 
_reflns_shell.pdbx_Rrim_I_all             0.13 
_reflns_shell.pdbx_Rpim_I_all             0.05 
_reflns_shell.pdbx_rejects                ? 
_reflns_shell.pdbx_ordinal                1 
_reflns_shell.pdbx_diffrn_id              1 
_reflns_shell.pdbx_CC_half                0.99 
_reflns_shell.pdbx_R_split                ? 
# 
_refine.aniso_B[1][1]                            ? 
_refine.aniso_B[1][2]                            ? 
_refine.aniso_B[1][3]                            ? 
_refine.aniso_B[2][2]                            ? 
_refine.aniso_B[2][3]                            ? 
_refine.aniso_B[3][3]                            ? 
_refine.B_iso_max                                ? 
_refine.B_iso_mean                               13.3 
_refine.B_iso_min                                ? 
_refine.correlation_coeff_Fo_to_Fc               ? 
_refine.correlation_coeff_Fo_to_Fc_free          ? 
_refine.details                                  ? 
_refine.diff_density_max                         ? 
_refine.diff_density_max_esd                     ? 
_refine.diff_density_min                         ? 
_refine.diff_density_min_esd                     ? 
_refine.diff_density_rms                         ? 
_refine.diff_density_rms_esd                     ? 
_refine.entry_id                                 5YIU 
_refine.pdbx_refine_id                           'X-RAY DIFFRACTION' 
_refine.ls_abs_structure_details                 ? 
_refine.ls_abs_structure_Flack                   ? 
_refine.ls_abs_structure_Flack_esd               ? 
_refine.ls_abs_structure_Rogers                  ? 
_refine.ls_abs_structure_Rogers_esd              ? 
_refine.ls_d_res_high                            1.420 
_refine.ls_d_res_low                             27.449 
_refine.ls_extinction_coef                       ? 
_refine.ls_extinction_coef_esd                   ? 
_refine.ls_extinction_expression                 ? 
_refine.ls_extinction_method                     ? 
_refine.ls_goodness_of_fit_all                   ? 
_refine.ls_goodness_of_fit_all_esd               ? 
_refine.ls_goodness_of_fit_obs                   ? 
_refine.ls_goodness_of_fit_obs_esd               ? 
_refine.ls_hydrogen_treatment                    ? 
_refine.ls_matrix_type                           ? 
_refine.ls_number_constraints                    ? 
_refine.ls_number_parameters                     ? 
_refine.ls_number_reflns_all                     ? 
_refine.ls_number_reflns_obs                     9146 
_refine.ls_number_reflns_R_free                  472 
_refine.ls_number_reflns_R_work                  ? 
_refine.ls_number_restraints                     ? 
_refine.ls_percent_reflns_obs                    99.75 
_refine.ls_percent_reflns_R_free                 5.16 
_refine.ls_R_factor_all                          ? 
_refine.ls_R_factor_obs                          0.1846 
_refine.ls_R_factor_R_free                       0.2114 
_refine.ls_R_factor_R_free_error                 ? 
_refine.ls_R_factor_R_free_error_details         ? 
_refine.ls_R_factor_R_work                       0.1832 
_refine.ls_R_Fsqd_factor_obs                     ? 
_refine.ls_R_I_factor_obs                        ? 
_refine.ls_redundancy_reflns_all                 ? 
_refine.ls_redundancy_reflns_obs                 ? 
_refine.ls_restrained_S_all                      ? 
_refine.ls_restrained_S_obs                      ? 
_refine.ls_shift_over_esd_max                    ? 
_refine.ls_shift_over_esd_mean                   ? 
_refine.ls_structure_factor_coef                 ? 
_refine.ls_weighting_details                     ? 
_refine.ls_weighting_scheme                      ? 
_refine.ls_wR_factor_all                         ? 
_refine.ls_wR_factor_obs                         ? 
_refine.ls_wR_factor_R_free                      ? 
_refine.ls_wR_factor_R_work                      ? 
_refine.occupancy_max                            ? 
_refine.occupancy_min                            ? 
_refine.solvent_model_details                    ? 
_refine.solvent_model_param_bsol                 ? 
_refine.solvent_model_param_ksol                 ? 
_refine.ls_R_factor_gt                           ? 
_refine.ls_goodness_of_fit_gt                    ? 
_refine.ls_goodness_of_fit_ref                   ? 
_refine.ls_shift_over_su_max                     ? 
_refine.ls_shift_over_su_max_lt                  ? 
_refine.ls_shift_over_su_mean                    ? 
_refine.ls_shift_over_su_mean_lt                 ? 
_refine.pdbx_ls_sigma_I                          ? 
_refine.pdbx_ls_sigma_F                          1.47 
_refine.pdbx_ls_sigma_Fsqd                       ? 
_refine.pdbx_data_cutoff_high_absF               ? 
_refine.pdbx_data_cutoff_high_rms_absF           ? 
_refine.pdbx_data_cutoff_low_absF                ? 
_refine.pdbx_isotropic_thermal_model             ? 
_refine.pdbx_ls_cross_valid_method               'FREE R-VALUE' 
_refine.pdbx_method_to_determine_struct          'MOLECULAR REPLACEMENT' 
_refine.pdbx_starting_model                      1GV2 
_refine.pdbx_stereochemistry_target_values       ? 
_refine.pdbx_R_Free_selection_details            ? 
_refine.pdbx_stereochem_target_val_spec_case     ? 
_refine.pdbx_overall_ESU_R                       ? 
_refine.pdbx_overall_ESU_R_Free                  ? 
_refine.pdbx_solvent_vdw_probe_radii             1.11 
_refine.pdbx_solvent_ion_probe_radii             ? 
_refine.pdbx_solvent_shrinkage_radii             0.90 
_refine.pdbx_real_space_R                        ? 
_refine.pdbx_density_correlation                 ? 
_refine.pdbx_pd_number_of_powder_patterns        ? 
_refine.pdbx_pd_number_of_points                 ? 
_refine.pdbx_pd_meas_number_of_points            ? 
_refine.pdbx_pd_proc_ls_prof_R_factor            ? 
_refine.pdbx_pd_proc_ls_prof_wR_factor           ? 
_refine.pdbx_pd_Marquardt_correlation_coeff      ? 
_refine.pdbx_pd_Fsqrd_R_factor                   ? 
_refine.pdbx_pd_ls_matrix_band_width             ? 
_refine.pdbx_overall_phase_error                 21.13 
_refine.pdbx_overall_SU_R_free_Cruickshank_DPI   ? 
_refine.pdbx_overall_SU_R_free_Blow_DPI          ? 
_refine.pdbx_overall_SU_R_Blow_DPI               ? 
_refine.pdbx_TLS_residual_ADP_flag               ? 
_refine.pdbx_diffrn_id                           1 
_refine.overall_SU_B                             ? 
_refine.overall_SU_ML                            0.09 
_refine.overall_SU_R_Cruickshank_DPI             ? 
_refine.overall_SU_R_free                        ? 
_refine.overall_FOM_free_R_set                   ? 
_refine.overall_FOM_work_R_set                   ? 
_refine.pdbx_average_fsc_overall                 ? 
_refine.pdbx_average_fsc_work                    ? 
_refine.pdbx_average_fsc_free                    ? 
# 
_refine_hist.pdbx_refine_id                   'X-RAY DIFFRACTION' 
_refine_hist.cycle_id                         LAST 
_refine_hist.pdbx_number_atoms_protein        371 
_refine_hist.pdbx_number_atoms_nucleic_acid   0 
_refine_hist.pdbx_number_atoms_ligand         0 
_refine_hist.number_atoms_solvent             50 
_refine_hist.number_atoms_total               421 
_refine_hist.d_res_high                       1.420 
_refine_hist.d_res_low                        27.449 
# 
loop_
_refine_ls_restr.pdbx_refine_id 
_refine_ls_restr.criterion 
_refine_ls_restr.dev_ideal 
_refine_ls_restr.dev_ideal_target 
_refine_ls_restr.number 
_refine_ls_restr.rejects 
_refine_ls_restr.type 
_refine_ls_restr.weight 
_refine_ls_restr.pdbx_restraint_function 
'X-RAY DIFFRACTION' ? 0.005  ? 398 ? f_bond_d           ? ? 
'X-RAY DIFFRACTION' ? 0.908  ? 542 ? f_angle_d          ? ? 
'X-RAY DIFFRACTION' ? 11.181 ? 156 ? f_dihedral_angle_d ? ? 
'X-RAY DIFFRACTION' ? 0.051  ? 64  ? f_chiral_restr     ? ? 
'X-RAY DIFFRACTION' ? 0.003  ? 66  ? f_plane_restr      ? ? 
# 
loop_
_refine_ls_shell.pdbx_refine_id 
_refine_ls_shell.d_res_high 
_refine_ls_shell.d_res_low 
_refine_ls_shell.number_reflns_all 
_refine_ls_shell.number_reflns_obs 
_refine_ls_shell.number_reflns_R_free 
_refine_ls_shell.number_reflns_R_work 
_refine_ls_shell.percent_reflns_obs 
_refine_ls_shell.percent_reflns_R_free 
_refine_ls_shell.R_factor_all 
_refine_ls_shell.R_factor_obs 
_refine_ls_shell.R_factor_R_free 
_refine_ls_shell.R_factor_R_free_error 
_refine_ls_shell.R_factor_R_work 
_refine_ls_shell.redundancy_reflns_all 
_refine_ls_shell.redundancy_reflns_obs 
_refine_ls_shell.wR_factor_all 
_refine_ls_shell.wR_factor_obs 
_refine_ls_shell.wR_factor_R_free 
_refine_ls_shell.wR_factor_R_work 
_refine_ls_shell.pdbx_total_number_of_bins_used 
_refine_ls_shell.pdbx_phase_error 
_refine_ls_shell.pdbx_fsc_work 
_refine_ls_shell.pdbx_fsc_free 
'X-RAY DIFFRACTION' 1.4201 1.6256  . . 153 2835 100.00 . . . 0.1799 . 0.1549 . . . . . . . . . . 
'X-RAY DIFFRACTION' 1.6256 2.0480  . . 161 2854 100.00 . . . 0.2225 . 0.1919 . . . . . . . . . . 
'X-RAY DIFFRACTION' 2.0480 27.4538 . . 158 2985 100.00 . . . 0.2150 . 0.1868 . . . . . . . . . . 
# 
_struct.entry_id                     5YIU 
_struct.title                        'Caulobacter crescentus GcrA DNA-binding domain (DBD)' 
_struct.pdbx_model_details           ? 
_struct.pdbx_formula_weight          ? 
_struct.pdbx_formula_weight_method   ? 
_struct.pdbx_model_type_details      ? 
_struct.pdbx_CASP_flag               N 
# 
_struct_keywords.entry_id        5YIU 
_struct_keywords.text            'Caulobacter crescentus, GcrA, DNA-binding, transcription factor, DNA BINDING PROTEIN' 
_struct_keywords.pdbx_keywords   'DNA BINDING PROTEIN' 
# 
loop_
_struct_asym.id 
_struct_asym.pdbx_blank_PDB_chainid_flag 
_struct_asym.pdbx_modified 
_struct_asym.entity_id 
_struct_asym.details 
A N N 1 ? 
B N N 2 ? 
# 
loop_
_struct_conf.conf_type_id 
_struct_conf.id 
_struct_conf.pdbx_PDB_helix_id 
_struct_conf.beg_label_comp_id 
_struct_conf.beg_label_asym_id 
_struct_conf.beg_label_seq_id 
_struct_conf.pdbx_beg_PDB_ins_code 
_struct_conf.end_label_comp_id 
_struct_conf.end_label_asym_id 
_struct_conf.end_label_seq_id 
_struct_conf.pdbx_end_PDB_ins_code 
_struct_conf.beg_auth_comp_id 
_struct_conf.beg_auth_asym_id 
_struct_conf.beg_auth_seq_id 
_struct_conf.end_auth_comp_id 
_struct_conf.end_auth_asym_id 
_struct_conf.end_auth_seq_id 
_struct_conf.pdbx_PDB_helix_class 
_struct_conf.details 
_struct_conf.pdbx_PDB_helix_length 
HELX_P HELX_P1 AA1 THR A 8  ? GLY A 22 ? THR A 4  GLY A 18 1 ? 15 
HELX_P HELX_P2 AA2 SER A 24 ? GLY A 33 ? SER A 20 GLY A 29 1 ? 10 
HELX_P HELX_P3 AA3 THR A 36 ? GLY A 48 ? THR A 32 GLY A 44 1 ? 13 
# 
_struct_conf_type.id          HELX_P 
_struct_conf_type.criteria    ? 
_struct_conf_type.reference   ? 
# 
_atom_sites.entry_id                    5YIU 
_atom_sites.fract_transf_matrix[1][1]   0.02356326 
_atom_sites.fract_transf_matrix[1][2]   -0.01828378 
_atom_sites.fract_transf_matrix[1][3]   0.01385040 
_atom_sites.fract_transf_matrix[2][1]   -0.01805343 
_atom_sites.fract_transf_matrix[2][2]   -0.01023874 
_atom_sites.fract_transf_matrix[2][3]   0.01719768 
_atom_sites.fract_transf_matrix[3][1]   -0.00477361 
_atom_sites.fract_transf_matrix[3][2]   -0.01812019 
_atom_sites.fract_transf_matrix[3][3]   -0.01579910 
_atom_sites.fract_transf_vector[1]      0.601987 
_atom_sites.fract_transf_vector[2]      -0.007857 
_atom_sites.fract_transf_vector[3]      0.606777 
# 
loop_
_atom_type.symbol 
C 
N 
O 
S 
# 
loop_
_atom_site.group_PDB 
_atom_site.id 
_atom_site.type_symbol 
_atom_site.label_atom_id 
_atom_site.label_alt_id 
_atom_site.label_comp_id 
_atom_site.label_asym_id 
_atom_site.label_entity_id 
_atom_site.label_seq_id 
_atom_site.pdbx_PDB_ins_code 
_atom_site.Cartn_x 
_atom_site.Cartn_y 
_atom_site.Cartn_z 
_atom_site.occupancy 
_atom_site.B_iso_or_equiv 
_atom_site.pdbx_formal_charge 
_atom_site.auth_seq_id 
_atom_site.auth_comp_id 
_atom_site.auth_asym_id 
_atom_site.auth_atom_id 
_atom_site.pdbx_PDB_model_num 
ATOM   1   N N   . GLY A 1 1  ? -2.457  -7.170  -20.806 1.00 15.94 ? -3  GLY A N   1 
ATOM   2   C CA  . GLY A 1 1  ? -1.620  -7.459  -19.657 1.00 10.46 ? -3  GLY A CA  1 
ATOM   3   C C   . GLY A 1 1  ? -2.315  -7.099  -18.358 1.00 12.27 ? -3  GLY A C   1 
ATOM   4   O O   . GLY A 1 1  ? -3.326  -6.398  -18.362 1.00 14.44 ? -3  GLY A O   1 
ATOM   5   N N   . ALA A 1 2  ? -1.771  -7.576  -17.243 1.00 10.83 ? -2  ALA A N   1 
ATOM   6   C CA  . ALA A 1 2  ? -2.289  -7.229  -15.919 1.00 11.49 ? -2  ALA A CA  1 
ATOM   7   C C   . ALA A 1 2  ? -1.890  -5.804  -15.515 1.00 10.60 ? -2  ALA A C   1 
ATOM   8   O O   . ALA A 1 2  ? -0.773  -5.367  -15.780 1.00 11.33 ? -2  ALA A O   1 
ATOM   9   C CB  . ALA A 1 2  ? -1.794  -8.232  -14.889 1.00 13.48 ? -2  ALA A CB  1 
ATOM   10  N N   . MET A 1 3  ? -2.805  -5.101  -14.861 1.00 9.50  ? -1  MET A N   1 
ATOM   11  C CA  . MET A 1 3  ? -2.577  -3.725  -14.411 1.00 10.27 ? -1  MET A CA  1 
ATOM   12  C C   . MET A 1 3  ? -2.124  -3.593  -12.954 1.00 10.23 ? -1  MET A C   1 
ATOM   13  O O   . MET A 1 3  ? -1.901  -2.479  -12.480 1.00 10.61 ? -1  MET A O   1 
ATOM   14  C CB  . MET A 1 3  ? -3.843  -2.881  -14.605 1.00 11.77 ? -1  MET A CB  1 
ATOM   15  C CG  . MET A 1 3  ? -4.271  -2.719  -16.059 1.00 12.00 ? -1  MET A CG  1 
ATOM   16  S SD  . MET A 1 3  ? -3.094  -1.771  -17.054 1.00 12.42 ? -1  MET A SD  1 
ATOM   17  C CE  . MET A 1 3  ? -3.492  -0.096  -16.587 1.00 9.24  ? -1  MET A CE  1 
ATOM   18  N N   . ASP A 1 4  ? -1.994  -4.707  -12.241 1.00 10.96 ? 0   ASP A N   1 
ATOM   19  C CA  . ASP A 1 4  ? -1.591  -4.648  -10.834 1.00 9.65  ? 0   ASP A CA  1 
ATOM   20  C C   . ASP A 1 4  ? -0.161  -4.130  -10.680 1.00 9.93  ? 0   ASP A C   1 
ATOM   21  O O   . ASP A 1 4  ? 0.755   -4.633  -11.320 1.00 11.01 ? 0   ASP A O   1 
ATOM   22  C CB  . ASP A 1 4  ? -1.713  -6.025  -10.185 1.00 12.17 ? 0   ASP A CB  1 
ATOM   23  C CG  . ASP A 1 4  ? -3.052  -6.657  -10.426 1.00 17.17 ? 0   ASP A CG  1 
ATOM   24  O OD1 . ASP A 1 4  ? -3.235  -7.214  -11.527 1.00 15.78 ? 0   ASP A OD1 1 
ATOM   25  O OD2 . ASP A 1 4  ? -3.909  -6.584  -9.522  1.00 22.12 ? 0   ASP A OD2 1 
ATOM   26  N N   . MET A 1 5  ? 0.013   -3.127  -9.823  1.00 9.58  ? 1   MET A N   1 
ATOM   27  C CA  A MET A 1 5  ? 1.329   -2.539  -9.559  0.53 9.36  ? 1   MET A CA  1 
ATOM   28  C CA  B MET A 1 5  ? 1.328   -2.550  -9.575  0.47 9.38  ? 1   MET A CA  1 
ATOM   29  C C   . MET A 1 5  ? 2.174   -3.465  -8.701  1.00 9.25  ? 1   MET A C   1 
ATOM   30  O O   . MET A 1 5  ? 1.675   -4.074  -7.763  1.00 11.07 ? 1   MET A O   1 
ATOM   31  C CB  A MET A 1 5  ? 1.198   -1.201  -8.828  0.53 11.36 ? 1   MET A CB  1 
ATOM   32  C CB  B MET A 1 5  ? 1.170   -1.190  -8.905  0.47 11.34 ? 1   MET A CB  1 
ATOM   33  C CG  A MET A 1 5  ? 0.523   -0.095  -9.605  0.53 10.27 ? 1   MET A CG  1 
ATOM   34  C CG  B MET A 1 5  ? 0.289   -0.251  -9.691  0.47 12.02 ? 1   MET A CG  1 
ATOM   35  S SD  A MET A 1 5  ? 1.455   0.420   -11.055 0.53 12.58 ? 1   MET A SD  1 
ATOM   36  S SD  B MET A 1 5  ? 1.226   0.551   -10.994 0.47 17.25 ? 1   MET A SD  1 
ATOM   37  C CE  A MET A 1 5  ? 0.558   1.916   -11.494 0.53 8.42  ? 1   MET A CE  1 
ATOM   38  C CE  B MET A 1 5  ? 1.873   1.923   -10.055 0.47 11.10 ? 1   MET A CE  1 
ATOM   39  N N   . SER A 1 6  ? 3.460   -3.569  -9.007  1.00 9.20  ? 2   SER A N   1 
ATOM   40  C CA  A SER A 1 6  ? 4.325   -4.351  -8.145  0.43 7.07  ? 2   SER A CA  1 
ATOM   41  C CA  B SER A 1 6  ? 4.396   -4.309  -8.172  0.57 7.08  ? 2   SER A CA  1 
ATOM   42  C C   . SER A 1 6  ? 4.595   -3.601  -6.842  1.00 8.11  ? 2   SER A C   1 
ATOM   43  O O   . SER A 1 6  ? 4.597   -2.363  -6.793  1.00 8.14  ? 2   SER A O   1 
ATOM   44  C CB  A SER A 1 6  ? 5.633   -4.710  -8.845  0.43 11.23 ? 2   SER A CB  1 
ATOM   45  C CB  B SER A 1 6  ? 5.753   -4.403  -8.865  0.57 9.90  ? 2   SER A CB  1 
ATOM   46  O OG  A SER A 1 6  ? 6.341   -3.547  -9.211  0.43 11.81 ? 2   SER A OG  1 
ATOM   47  O OG  B SER A 1 6  ? 5.686   -5.225  -10.012 0.57 11.76 ? 2   SER A OG  1 
ATOM   48  N N   . TRP A 1 7  ? 4.779   -4.371  -5.779  1.00 7.74  ? 3   TRP A N   1 
ATOM   49  C CA  . TRP A 1 7  ? 5.131   -3.810  -4.488  1.00 8.42  ? 3   TRP A CA  1 
ATOM   50  C C   . TRP A 1 7  ? 6.634   -3.599  -4.463  1.00 9.89  ? 3   TRP A C   1 
ATOM   51  O O   . TRP A 1 7  ? 7.386   -4.401  -3.914  1.00 10.51 ? 3   TRP A O   1 
ATOM   52  C CB  . TRP A 1 7  ? 4.691   -4.746  -3.367  1.00 6.28  ? 3   TRP A CB  1 
ATOM   53  C CG  . TRP A 1 7  ? 3.204   -4.728  -3.180  1.00 6.81  ? 3   TRP A CG  1 
ATOM   54  C CD1 . TRP A 1 7  ? 2.319   -5.718  -3.511  1.00 8.61  ? 3   TRP A CD1 1 
ATOM   55  C CD2 . TRP A 1 7  ? 2.420   -3.650  -2.650  1.00 7.90  ? 3   TRP A CD2 1 
ATOM   56  N NE1 . TRP A 1 7  ? 1.037   -5.325  -3.216  1.00 9.13  ? 3   TRP A NE1 1 
ATOM   57  C CE2 . TRP A 1 7  ? 1.073   -4.063  -2.679  1.00 8.17  ? 3   TRP A CE2 1 
ATOM   58  C CE3 . TRP A 1 7  ? 2.731   -2.379  -2.144  1.00 7.92  ? 3   TRP A CE3 1 
ATOM   59  C CZ2 . TRP A 1 7  ? 0.039   -3.246  -2.230  1.00 11.80 ? 3   TRP A CZ2 1 
ATOM   60  C CZ3 . TRP A 1 7  ? 1.699   -1.576  -1.699  1.00 10.81 ? 3   TRP A CZ3 1 
ATOM   61  C CH2 . TRP A 1 7  ? 0.372   -2.013  -1.746  1.00 11.00 ? 3   TRP A CH2 1 
ATOM   62  N N   . THR A 1 8  ? 7.062   -2.516  -5.099  1.00 7.55  ? 4   THR A N   1 
ATOM   63  C CA  . THR A 1 8  ? 8.465   -2.124  -5.115  1.00 10.01 ? 4   THR A CA  1 
ATOM   64  C C   . THR A 1 8  ? 8.923   -1.750  -3.712  1.00 9.99  ? 4   THR A C   1 
ATOM   65  O O   . THR A 1 8  ? 8.106   -1.489  -2.837  1.00 9.38  ? 4   THR A O   1 
ATOM   66  C CB  . THR A 1 8  ? 8.658   -0.900  -6.006  1.00 11.48 ? 4   THR A CB  1 
ATOM   67  O OG1 . THR A 1 8  ? 7.859   0.176   -5.493  1.00 11.95 ? 4   THR A OG1 1 
ATOM   68  C CG2 . THR A 1 8  ? 8.251   -1.215  -7.458  1.00 11.22 ? 4   THR A CG2 1 
ATOM   69  N N   . ASP A 1 9  ? 10.230  -1.708  -3.497  1.00 12.10 ? 5   ASP A N   1 
ATOM   70  C CA  . ASP A 1 9  ? 10.759  -1.311  -2.201  1.00 11.36 ? 5   ASP A CA  1 
ATOM   71  C C   . ASP A 1 9  ? 10.221  0.050   -1.788  1.00 10.43 ? 5   ASP A C   1 
ATOM   72  O O   . ASP A 1 9  ? 9.896   0.260   -0.620  1.00 11.23 ? 5   ASP A O   1 
ATOM   73  C CB  . ASP A 1 9  ? 12.286  -1.282  -2.214  1.00 12.23 ? 5   ASP A CB  1 
ATOM   74  C CG  . ASP A 1 9  ? 12.895  -2.661  -2.291  1.00 19.99 ? 5   ASP A CG  1 
ATOM   75  O OD1 . ASP A 1 9  ? 12.149  -3.661  -2.183  1.00 21.77 ? 5   ASP A OD1 1 
ATOM   76  O OD2 . ASP A 1 9  ? 14.129  -2.749  -2.458  1.00 24.53 ? 5   ASP A OD2 1 
ATOM   77  N N   . GLU A 1 10 ? 10.104  0.974   -2.735  1.00 11.25 ? 6   GLU A N   1 
ATOM   78  C CA  . GLU A 1 10 ? 9.604   2.298   -2.397  1.00 12.32 ? 6   GLU A CA  1 
ATOM   79  C C   . GLU A 1 10 ? 8.132   2.268   -1.989  1.00 10.83 ? 6   GLU A C   1 
ATOM   80  O O   . GLU A 1 10 ? 7.722   2.945   -1.055  1.00 11.08 ? 6   GLU A O   1 
ATOM   81  C CB  . GLU A 1 10 ? 9.821   3.293   -3.543  1.00 15.33 ? 6   GLU A CB  1 
ATOM   82  C CG  . GLU A 1 10 ? 9.474   4.726   -3.152  1.00 26.67 ? 6   GLU A CG  1 
ATOM   83  C CD  . GLU A 1 10 ? 9.546   5.699   -4.310  1.00 41.82 ? 6   GLU A CD  1 
ATOM   84  O OE1 . GLU A 1 10 ? 9.992   5.298   -5.405  1.00 52.43 ? 6   GLU A OE1 1 
ATOM   85  O OE2 . GLU A 1 10 ? 9.154   6.870   -4.120  1.00 61.90 ? 6   GLU A OE2 1 
ATOM   86  N N   . ARG A 1 11 ? 7.325   1.494   -2.703  1.00 9.89  ? 7   ARG A N   1 
ATOM   87  C CA  . ARG A 1 11 ? 5.907   1.443   -2.397  1.00 9.44  ? 7   ARG A CA  1 
ATOM   88  C C   . ARG A 1 11 ? 5.666   0.782   -1.043  1.00 8.60  ? 7   ARG A C   1 
ATOM   89  O O   . ARG A 1 11 ? 4.816   1.221   -0.274  1.00 8.63  ? 7   ARG A O   1 
ATOM   90  C CB  . ARG A 1 11 ? 5.141   0.751   -3.522  1.00 8.16  ? 7   ARG A CB  1 
ATOM   91  C CG  . ARG A 1 11 ? 5.049   1.633   -4.766  1.00 9.72  ? 7   ARG A CG  1 
ATOM   92  C CD  . ARG A 1 11 ? 4.499   0.899   -5.969  1.00 15.03 ? 7   ARG A CD  1 
ATOM   93  N NE  . ARG A 1 11 ? 3.072   0.668   -5.843  1.00 13.98 ? 7   ARG A NE  1 
ATOM   94  C CZ  . ARG A 1 11 ? 2.135   1.534   -6.216  1.00 17.74 ? 7   ARG A CZ  1 
ATOM   95  N NH1 . ARG A 1 11 ? 0.854   1.238   -6.059  1.00 12.98 ? 7   ARG A NH1 1 
ATOM   96  N NH2 . ARG A 1 11 ? 2.474   2.698   -6.742  1.00 23.86 ? 7   ARG A NH2 1 
ATOM   97  N N   . VAL A 1 12 ? 6.465   -0.232  -0.734  1.00 8.17  ? 8   VAL A N   1 
ATOM   98  C CA  . VAL A 1 12 ? 6.394   -0.897  0.562   1.00 9.43  ? 8   VAL A CA  1 
ATOM   99  C C   . VAL A 1 12 ? 6.815   0.055   1.682   1.00 9.68  ? 8   VAL A C   1 
ATOM   100 O O   . VAL A 1 12 ? 6.148   0.143   2.704   1.00 9.97  ? 8   VAL A O   1 
ATOM   101 C CB  . VAL A 1 12 ? 7.242   -2.187  0.577   1.00 7.91  ? 8   VAL A CB  1 
ATOM   102 C CG1 . VAL A 1 12 ? 7.323   -2.764  1.976   1.00 10.03 ? 8   VAL A CG1 1 
ATOM   103 C CG2 . VAL A 1 12 ? 6.650   -3.222  -0.392  1.00 8.64  ? 8   VAL A CG2 1 
ATOM   104 N N   . SER A 1 13 ? 7.915   0.769   1.485   1.00 8.82  ? 9   SER A N   1 
ATOM   105 C CA  A SER A 1 13 ? 8.399   1.743   2.459   0.43 10.13 ? 9   SER A CA  1 
ATOM   106 C CA  B SER A 1 13 ? 8.385   1.715   2.489   0.57 10.06 ? 9   SER A CA  1 
ATOM   107 C C   . SER A 1 13 ? 7.351   2.803   2.753   1.00 9.22  ? 9   SER A C   1 
ATOM   108 O O   . SER A 1 13 ? 7.103   3.159   3.911   1.00 10.15 ? 9   SER A O   1 
ATOM   109 C CB  A SER A 1 13 ? 9.655   2.422   1.923   0.43 11.05 ? 9   SER A CB  1 
ATOM   110 C CB  B SER A 1 13 ? 9.714   2.327   2.053   0.57 11.02 ? 9   SER A CB  1 
ATOM   111 O OG  A SER A 1 13 ? 10.747  1.527   1.890   0.43 16.21 ? 9   SER A OG  1 
ATOM   112 O OG  B SER A 1 13 ? 10.144  3.333   2.959   0.57 10.20 ? 9   SER A OG  1 
ATOM   113 N N   . THR A 1 14 ? 6.745   3.319   1.697   1.00 9.10  ? 10  THR A N   1 
ATOM   114 C CA  . THR A 1 14 ? 5.702   4.323   1.824   1.00 10.65 ? 10  THR A CA  1 
ATOM   115 C C   . THR A 1 14 ? 4.476   3.777   2.556   1.00 9.00  ? 10  THR A C   1 
ATOM   116 O O   . THR A 1 14 ? 3.935   4.421   3.458   1.00 10.43 ? 10  THR A O   1 
ATOM   117 C CB  . THR A 1 14 ? 5.297   4.842   0.442   1.00 10.52 ? 10  THR A CB  1 
ATOM   118 O OG1 . THR A 1 14 ? 6.410   5.536   -0.139  1.00 16.49 ? 10  THR A OG1 1 
ATOM   119 C CG2 . THR A 1 14 ? 4.102   5.778   0.522   1.00 14.19 ? 10  THR A CG2 1 
ATOM   120 N N   . LEU A 1 15 ? 4.030   2.586   2.172   1.00 8.85  ? 11  LEU A N   1 
ATOM   121 C CA  . LEU A 1 15 ? 2.873   1.985   2.822   1.00 8.15  ? 11  LEU A CA  1 
ATOM   122 C C   . LEU A 1 15 ? 3.128   1.817   4.311   1.00 9.29  ? 11  LEU A C   1 
ATOM   123 O O   . LEU A 1 15 ? 2.272   2.144   5.147   1.00 7.68  ? 11  LEU A O   1 
ATOM   124 C CB  . LEU A 1 15 ? 2.548   0.636   2.178   1.00 8.80  ? 11  LEU A CB  1 
ATOM   125 C CG  . LEU A 1 15 ? 1.364   -0.142  2.774   1.00 9.02  ? 11  LEU A CG  1 
ATOM   126 C CD1 . LEU A 1 15 ? 0.652   -0.957  1.692   1.00 10.44 ? 11  LEU A CD1 1 
ATOM   127 C CD2 . LEU A 1 15 ? 1.825   -1.071  3.884   1.00 11.43 ? 11  LEU A CD2 1 
ATOM   128 N N   . LYS A 1 16 ? 4.303   1.293   4.637   1.00 7.95  ? 12  LYS A N   1 
ATOM   129 C CA  . LYS A 1 16 ? 4.661   1.029   6.022   1.00 8.96  ? 12  LYS A CA  1 
ATOM   130 C C   . LYS A 1 16 ? 4.662   2.313   6.852   1.00 8.10  ? 12  LYS A C   1 
ATOM   131 O O   . LYS A 1 16 ? 4.044   2.361   7.920   1.00 8.15  ? 12  LYS A O   1 
ATOM   132 C CB  . LYS A 1 16 ? 6.016   0.334   6.078   1.00 11.84 ? 12  LYS A CB  1 
ATOM   133 C CG  . LYS A 1 16 ? 6.522   0.041   7.472   1.00 20.20 ? 12  LYS A CG  1 
ATOM   134 C CD  . LYS A 1 16 ? 7.879   -0.634  7.392   1.00 25.26 ? 12  LYS A CD  1 
ATOM   135 C CE  . LYS A 1 16 ? 8.600   -0.551  8.717   1.00 32.13 ? 12  LYS A CE  1 
ATOM   136 N NZ  . LYS A 1 16 ? 9.956   -1.162  8.651   1.00 34.07 ? 12  LYS A NZ  1 
ATOM   137 N N   . LYS A 1 17 ? 5.329   3.354   6.361   1.00 7.68  ? 13  LYS A N   1 
ATOM   138 C CA  A LYS A 1 17 ? 5.395   4.624   7.080   0.44 9.19  ? 13  LYS A CA  1 
ATOM   139 C CA  B LYS A 1 17 ? 5.394   4.624   7.081   0.56 9.18  ? 13  LYS A CA  1 
ATOM   140 C C   . LYS A 1 17 ? 4.010   5.224   7.291   1.00 7.68  ? 13  LYS A C   1 
ATOM   141 O O   . LYS A 1 17 ? 3.661   5.633   8.398   1.00 7.63  ? 13  LYS A O   1 
ATOM   142 C CB  A LYS A 1 17 ? 6.282   5.618   6.327   0.44 10.25 ? 13  LYS A CB  1 
ATOM   143 C CB  B LYS A 1 17 ? 6.282   5.619   6.329   0.56 10.23 ? 13  LYS A CB  1 
ATOM   144 C CG  . LYS A 1 17 ? 7.768   5.305   6.378   1.00 16.50 ? 13  LYS A CG  1 
ATOM   145 C CD  . LYS A 1 17 ? 8.548   6.187   5.407   1.00 20.72 ? 13  LYS A CD  1 
ATOM   146 C CE  . LYS A 1 17 ? 10.057  6.065   5.625   1.00 27.84 ? 13  LYS A CE  1 
ATOM   147 N NZ  A LYS A 1 17 ? 10.501  4.649   5.706   0.44 16.29 ? 13  LYS A NZ  1 
ATOM   148 N NZ  B LYS A 1 17 ? 10.828  7.060   4.824   0.56 23.80 ? 13  LYS A NZ  1 
ATOM   149 N N   . LEU A 1 18 ? 3.219   5.269   6.229   1.00 7.93  ? 14  LEU A N   1 
ATOM   150 C CA  . LEU A 1 18 ? 1.887   5.855   6.301   1.00 7.96  ? 14  LEU A CA  1 
ATOM   151 C C   . LEU A 1 18 ? 0.950   5.054   7.198   1.00 7.53  ? 14  LEU A C   1 
ATOM   152 O O   . LEU A 1 18 ? 0.122   5.620   7.921   1.00 7.95  ? 14  LEU A O   1 
ATOM   153 C CB  . LEU A 1 18 ? 1.292   6.028   4.906   1.00 10.26 ? 14  LEU A CB  1 
ATOM   154 C CG  . LEU A 1 18 ? 2.056   6.981   3.986   1.00 8.82  ? 14  LEU A CG  1 
ATOM   155 C CD1 . LEU A 1 18 ? 1.325   7.122   2.654   1.00 12.97 ? 14  LEU A CD1 1 
ATOM   156 C CD2 . LEU A 1 18 ? 2.288   8.350   4.641   1.00 13.36 ? 14  LEU A CD2 1 
ATOM   157 N N   . TRP A 1 19 ? 1.082   3.737   7.162   1.00 7.65  ? 15  TRP A N   1 
ATOM   158 C CA  . TRP A 1 19 ? 0.268   2.903   8.036   1.00 8.84  ? 15  TRP A CA  1 
ATOM   159 C C   . TRP A 1 19 ? 0.625   3.169   9.498   1.00 9.11  ? 15  TRP A C   1 
ATOM   160 O O   . TRP A 1 19 ? -0.260  3.338   10.340  1.00 8.71  ? 15  TRP A O   1 
ATOM   161 C CB  . TRP A 1 19 ? 0.429   1.422   7.686   1.00 8.09  ? 15  TRP A CB  1 
ATOM   162 C CG  . TRP A 1 19 ? -0.502  0.545   8.451   1.00 7.69  ? 15  TRP A CG  1 
ATOM   163 C CD1 . TRP A 1 19 ? -0.210  -0.187  9.560   1.00 10.11 ? 15  TRP A CD1 1 
ATOM   164 C CD2 . TRP A 1 19 ? -1.890  0.327   8.178   1.00 8.11  ? 15  TRP A CD2 1 
ATOM   165 N NE1 . TRP A 1 19 ? -1.323  -0.859  9.988   1.00 10.94 ? 15  TRP A NE1 1 
ATOM   166 C CE2 . TRP A 1 19 ? -2.371  -0.562  9.156   1.00 9.20  ? 15  TRP A CE2 1 
ATOM   167 C CE3 . TRP A 1 19 ? -2.774  0.803   7.201   1.00 8.46  ? 15  TRP A CE3 1 
ATOM   168 C CZ2 . TRP A 1 19 ? -3.695  -0.999  9.183   1.00 11.92 ? 15  TRP A CZ2 1 
ATOM   169 C CZ3 . TRP A 1 19 ? -4.089  0.368   7.227   1.00 12.76 ? 15  TRP A CZ3 1 
ATOM   170 C CH2 . TRP A 1 19 ? -4.537  -0.524  8.213   1.00 13.09 ? 15  TRP A CH2 1 
ATOM   171 N N   . LEU A 1 20 ? 1.922   3.216   9.797   1.00 7.23  ? 16  LEU A N   1 
ATOM   172 C CA  . LEU A 1 20 ? 2.375   3.527   11.150  1.00 8.02  ? 16  LEU A CA  1 
ATOM   173 C C   . LEU A 1 20 ? 1.973   4.943   11.565  1.00 9.36  ? 16  LEU A C   1 
ATOM   174 O O   . LEU A 1 20 ? 1.743   5.189   12.742  1.00 8.56  ? 16  LEU A O   1 
ATOM   175 C CB  . LEU A 1 20 ? 3.887   3.329   11.276  1.00 8.11  ? 16  LEU A CB  1 
ATOM   176 C CG  . LEU A 1 20 ? 4.361   1.878   11.124  1.00 9.08  ? 16  LEU A CG  1 
ATOM   177 C CD1 . LEU A 1 20 ? 5.886   1.843   11.054  1.00 12.46 ? 16  LEU A CD1 1 
ATOM   178 C CD2 . LEU A 1 20 ? 3.835   0.986   12.245  1.00 11.32 ? 16  LEU A CD2 1 
ATOM   179 N N   . ASP A 1 21 ? 1.885   5.855   10.595  1.00 7.02  ? 17  ASP A N   1 
ATOM   180 C CA  . ASP A 1 21 ? 1.441   7.228   10.850  1.00 9.19  ? 17  ASP A CA  1 
ATOM   181 C C   . ASP A 1 21 ? -0.046  7.319   11.175  1.00 10.92 ? 17  ASP A C   1 
ATOM   182 O O   . ASP A 1 21 ? -0.518  8.356   11.645  1.00 13.07 ? 17  ASP A O   1 
ATOM   183 C CB  . ASP A 1 21 ? 1.727   8.147   9.660   1.00 10.62 ? 17  ASP A CB  1 
ATOM   184 C CG  . ASP A 1 21 ? 3.200   8.385   9.434   1.00 10.11 ? 17  ASP A CG  1 
ATOM   185 O OD1 . ASP A 1 21 ? 4.010   8.192   10.371  1.00 8.98  ? 17  ASP A OD1 1 
ATOM   186 O OD2 . ASP A 1 21 ? 3.543   8.800   8.318   1.00 9.47  ? 17  ASP A OD2 1 
ATOM   187 N N   . GLY A 1 22 ? -0.793  6.256   10.902  1.00 8.57  ? 18  GLY A N   1 
ATOM   188 C CA  . GLY A 1 22 ? -2.211  6.226   11.209  1.00 9.03  ? 18  GLY A CA  1 
ATOM   189 C C   . GLY A 1 22 ? -3.129  6.515   10.036  1.00 10.76 ? 18  GLY A C   1 
ATOM   190 O O   . GLY A 1 22 ? -4.329  6.677   10.221  1.00 12.95 ? 18  GLY A O   1 
ATOM   191 N N   . LEU A 1 23 ? -2.588  6.585   8.825   1.00 9.31  ? 19  LEU A N   1 
ATOM   192 C CA  . LEU A 1 23 ? -3.444  6.791   7.654   1.00 10.99 ? 19  LEU A CA  1 
ATOM   193 C C   . LEU A 1 23 ? -4.276  5.549   7.345   1.00 11.44 ? 19  LEU A C   1 
ATOM   194 O O   . LEU A 1 23 ? -3.850  4.422   7.583   1.00 9.66  ? 19  LEU A O   1 
ATOM   195 C CB  . LEU A 1 23 ? -2.631  7.192   6.425   1.00 11.42 ? 19  LEU A CB  1 
ATOM   196 C CG  . LEU A 1 23 ? -2.120  8.634   6.333   1.00 17.65 ? 19  LEU A CG  1 
ATOM   197 C CD1 . LEU A 1 23 ? -1.040  8.912   7.345   1.00 20.31 ? 19  LEU A CD1 1 
ATOM   198 C CD2 . LEU A 1 23 ? -1.603  8.907   4.933   1.00 19.58 ? 19  LEU A CD2 1 
ATOM   199 N N   . SER A 1 24 ? -5.476  5.772   6.827   1.00 9.39  ? 20  SER A N   1 
ATOM   200 C CA  . SER A 1 24 ? -6.368  4.690   6.446   1.00 8.86  ? 20  SER A CA  1 
ATOM   201 C C   . SER A 1 24 ? -5.862  3.982   5.200   1.00 9.13  ? 20  SER A C   1 
ATOM   202 O O   . SER A 1 24 ? -5.055  4.524   4.437   1.00 9.00  ? 20  SER A O   1 
ATOM   203 C CB  . SER A 1 24 ? -7.768  5.241   6.177   1.00 10.56 ? 20  SER A CB  1 
ATOM   204 O OG  . SER A 1 24 ? -7.774  6.008   4.983   1.00 12.51 ? 20  SER A OG  1 
ATOM   205 N N   . ALA A 1 25 ? -6.357  2.770   4.991   1.00 8.11  ? 21  ALA A N   1 
ATOM   206 C CA  . ALA A 1 25 ? -6.025  2.049   3.775   1.00 9.11  ? 21  ALA A CA  1 
ATOM   207 C C   . ALA A 1 25 ? -6.473  2.817   2.529   1.00 8.87  ? 21  ALA A C   1 
ATOM   208 O O   . ALA A 1 25 ? -5.815  2.768   1.492   1.00 9.50  ? 21  ALA A O   1 
ATOM   209 C CB  . ALA A 1 25 ? -6.635  0.669   3.799   1.00 8.29  ? 21  ALA A CB  1 
ATOM   210 N N   . SER A 1 26 ? -7.599  3.519   2.641   1.00 11.00 ? 22  SER A N   1 
ATOM   211 C CA  A SER A 1 26 ? -8.101  4.338   1.546   0.36 11.92 ? 22  SER A CA  1 
ATOM   212 C CA  B SER A 1 26 ? -8.106  4.357   1.556   0.64 11.93 ? 22  SER A CA  1 
ATOM   213 C C   . SER A 1 26 ? -7.126  5.463   1.208   1.00 10.78 ? 22  SER A C   1 
ATOM   214 O O   . SER A 1 26 ? -6.808  5.677   0.042   1.00 12.65 ? 22  SER A O   1 
ATOM   215 C CB  A SER A 1 26 ? -9.471  4.919   1.893   0.36 15.95 ? 22  SER A CB  1 
ATOM   216 C CB  B SER A 1 26 ? -9.448  4.980   1.938   0.64 15.92 ? 22  SER A CB  1 
ATOM   217 O OG  A SER A 1 26 ? -9.989  5.656   0.801   0.36 17.28 ? 22  SER A OG  1 
ATOM   218 O OG  B SER A 1 26 ? -10.509 4.108   1.613   0.64 16.98 ? 22  SER A OG  1 
ATOM   219 N N   . GLN A 1 27 ? -6.658  6.169   2.233   1.00 11.87 ? 23  GLN A N   1 
ATOM   220 C CA  . GLN A 1 27 ? -5.735  7.279   2.019   1.00 11.52 ? 23  GLN A CA  1 
ATOM   221 C C   . GLN A 1 27 ? -4.435  6.777   1.430   1.00 10.73 ? 23  GLN A C   1 
ATOM   222 O O   . GLN A 1 27 ? -3.875  7.390   0.527   1.00 12.21 ? 23  GLN A O   1 
ATOM   223 C CB  . GLN A 1 27 ? -5.435  7.979   3.343   1.00 13.15 ? 23  GLN A CB  1 
ATOM   224 C CG  . GLN A 1 27 ? -6.558  8.829   3.899   1.00 19.90 ? 23  GLN A CG  1 
ATOM   225 C CD  . GLN A 1 27 ? -6.222  9.412   5.271   1.00 29.46 ? 23  GLN A CD  1 
ATOM   226 O OE1 . GLN A 1 27 ? -6.139  8.688   6.274   1.00 21.15 ? 23  GLN A OE1 1 
ATOM   227 N NE2 . GLN A 1 27 ? -6.024  10.726  5.320   1.00 28.40 ? 23  GLN A NE2 1 
ATOM   228 N N   . ILE A 1 28 ? -3.950  5.659   1.952   1.00 8.96  ? 24  ILE A N   1 
ATOM   229 C CA  . ILE A 1 28 ? -2.702  5.091   1.454   1.00 9.27  ? 24  ILE A CA  1 
ATOM   230 C C   . ILE A 1 28 ? -2.826  4.655   -0.005  1.00 9.24  ? 24  ILE A C   1 
ATOM   231 O O   . ILE A 1 28 ? -1.934  4.906   -0.809  1.00 9.01  ? 24  ILE A O   1 
ATOM   232 C CB  . ILE A 1 28 ? -2.245  3.916   2.340   1.00 8.59  ? 24  ILE A CB  1 
ATOM   233 C CG1 . ILE A 1 28 ? -1.881  4.436   3.738   1.00 9.59  ? 24  ILE A CG1 1 
ATOM   234 C CG2 . ILE A 1 28 ? -1.081  3.175   1.700   1.00 9.48  ? 24  ILE A CG2 1 
ATOM   235 C CD1 . ILE A 1 28 ? -1.592  3.362   4.737   1.00 10.41 ? 24  ILE A CD1 1 
ATOM   236 N N   . ALA A 1 29 ? -3.943  4.018   -0.348  1.00 9.25  ? 25  ALA A N   1 
ATOM   237 C CA  . ALA A 1 29 ? -4.183  3.627   -1.734  1.00 10.96 ? 25  ALA A CA  1 
ATOM   238 C C   . ALA A 1 29 ? -4.160  4.850   -2.648  1.00 9.85  ? 25  ALA A C   1 
ATOM   239 O O   . ALA A 1 29 ? -3.581  4.813   -3.742  1.00 10.95 ? 25  ALA A O   1 
ATOM   240 C CB  . ALA A 1 29 ? -5.502  2.892   -1.861  1.00 10.86 ? 25  ALA A CB  1 
ATOM   241 N N   . LYS A 1 30 ? -4.790  5.930   -2.189  1.00 10.95 ? 26  LYS A N   1 
ATOM   242 C CA  . LYS A 1 30 ? -4.863  7.157   -2.975  1.00 14.73 ? 26  LYS A CA  1 
ATOM   243 C C   . LYS A 1 30 ? -3.467  7.734   -3.200  1.00 13.38 ? 26  LYS A C   1 
ATOM   244 O O   . LYS A 1 30 ? -3.131  8.163   -4.303  1.00 16.09 ? 26  LYS A O   1 
ATOM   245 C CB  . LYS A 1 30 ? -5.755  8.182   -2.270  1.00 17.30 ? 26  LYS A CB  1 
ATOM   246 C CG  . LYS A 1 30 ? -6.202  9.348   -3.137  1.00 24.13 ? 26  LYS A CG  1 
ATOM   247 C CD  . LYS A 1 30 ? -5.410  10.606  -2.833  1.00 44.61 ? 26  LYS A CD  1 
ATOM   248 C CE  . LYS A 1 30 ? -5.932  11.792  -3.632  1.00 55.82 ? 26  LYS A CE  1 
ATOM   249 N NZ  . LYS A 1 30 ? -5.149  13.029  -3.359  1.00 54.38 ? 26  LYS A NZ  1 
ATOM   250 N N   . GLN A 1 31 ? -2.647  7.735   -2.158  1.00 11.91 ? 27  GLN A N   1 
ATOM   251 C CA  . GLN A 1 31 ? -1.297  8.281   -2.284  1.00 12.69 ? 27  GLN A CA  1 
ATOM   252 C C   . GLN A 1 31 ? -0.353  7.405   -3.117  1.00 13.07 ? 27  GLN A C   1 
ATOM   253 O O   . GLN A 1 31 ? 0.465   7.914   -3.873  1.00 14.95 ? 27  GLN A O   1 
ATOM   254 C CB  . GLN A 1 31 ? -0.710  8.583   -0.906  1.00 13.54 ? 27  GLN A CB  1 
ATOM   255 C CG  . GLN A 1 31 ? -1.498  9.657   -0.168  1.00 17.46 ? 27  GLN A CG  1 
ATOM   256 C CD  . GLN A 1 31 ? -0.818  10.142  1.093   1.00 26.86 ? 27  GLN A CD  1 
ATOM   257 O OE1 . GLN A 1 31 ? 0.410   10.118  1.206   1.00 22.79 ? 27  GLN A OE1 1 
ATOM   258 N NE2 . GLN A 1 31 ? -1.619  10.589  2.055   1.00 25.06 ? 27  GLN A NE2 1 
ATOM   259 N N   . LEU A 1 32 ? -0.470  6.088   -2.999  1.00 11.18 ? 28  LEU A N   1 
ATOM   260 C CA  . LEU A 1 32 ? 0.349   5.188   -3.803  1.00 11.80 ? 28  LEU A CA  1 
ATOM   261 C C   . LEU A 1 32 ? -0.042  5.249   -5.272  1.00 11.95 ? 28  LEU A C   1 
ATOM   262 O O   . LEU A 1 32 ? 0.816   5.279   -6.154  1.00 14.26 ? 28  LEU A O   1 
ATOM   263 C CB  . LEU A 1 32 ? 0.185   3.753   -3.305  1.00 10.40 ? 28  LEU A CB  1 
ATOM   264 C CG  . LEU A 1 32 ? 0.805   3.392   -1.957  1.00 8.96  ? 28  LEU A CG  1 
ATOM   265 C CD1 . LEU A 1 32 ? 0.318   2.018   -1.541  1.00 9.89  ? 28  LEU A CD1 1 
ATOM   266 C CD2 . LEU A 1 32 ? 2.328   3.422   -2.056  1.00 13.52 ? 28  LEU A CD2 1 
ATOM   267 N N   . GLY A 1 33 ? -1.345  5.258   -5.525  1.00 11.49 ? 29  GLY A N   1 
ATOM   268 C CA  . GLY A 1 33 ? -1.860  5.284   -6.882  1.00 12.88 ? 29  GLY A CA  1 
ATOM   269 C C   . GLY A 1 33 ? -1.916  3.906   -7.512  1.00 9.13  ? 29  GLY A C   1 
ATOM   270 O O   . GLY A 1 33 ? -1.066  3.057   -7.237  1.00 11.94 ? 29  GLY A O   1 
ATOM   271 N N   . GLY A 1 34 ? -2.920  3.684   -8.359  1.00 11.25 ? 30  GLY A N   1 
ATOM   272 C CA  . GLY A 1 34 ? -3.033  2.445   -9.109  1.00 13.02 ? 30  GLY A CA  1 
ATOM   273 C C   . GLY A 1 34 ? -3.250  1.180   -8.292  1.00 12.48 ? 30  GLY A C   1 
ATOM   274 O O   . GLY A 1 34 ? -2.975  0.084   -8.761  1.00 12.30 ? 30  GLY A O   1 
ATOM   275 N N   . VAL A 1 35 ? -3.738  1.328   -7.067  1.00 11.41 ? 31  VAL A N   1 
ATOM   276 C CA  . VAL A 1 35 ? -3.987  0.183   -6.198  1.00 13.50 ? 31  VAL A CA  1 
ATOM   277 C C   . VAL A 1 35 ? -5.221  0.507   -5.360  1.00 9.79  ? 31  VAL A C   1 
ATOM   278 O O   . VAL A 1 35 ? -5.494  1.677   -5.080  1.00 12.12 ? 31  VAL A O   1 
ATOM   279 C CB  . VAL A 1 35 ? -2.741  -0.118  -5.302  1.00 10.95 ? 31  VAL A CB  1 
ATOM   280 C CG1 . VAL A 1 35 ? -2.449  1.043   -4.351  1.00 10.81 ? 31  VAL A CG1 1 
ATOM   281 C CG2 . VAL A 1 35 ? -2.895  -1.416  -4.527  1.00 10.24 ? 31  VAL A CG2 1 
ATOM   282 N N   . THR A 1 36 ? -5.992  -0.512  -4.992  1.00 10.61 ? 32  THR A N   1 
ATOM   283 C CA  . THR A 1 36 ? -7.211  -0.284  -4.226  1.00 10.60 ? 32  THR A CA  1 
ATOM   284 C C   . THR A 1 36 ? -7.006  -0.379  -2.727  1.00 9.40  ? 32  THR A C   1 
ATOM   285 O O   . THR A 1 36 ? -6.001  -0.896  -2.237  1.00 8.70  ? 32  THR A O   1 
ATOM   286 C CB  . THR A 1 36 ? -8.293  -1.315  -4.563  1.00 9.16  ? 32  THR A CB  1 
ATOM   287 O OG1 . THR A 1 36 ? -7.819  -2.615  -4.209  1.00 12.34 ? 32  THR A OG1 1 
ATOM   288 C CG2 . THR A 1 36 ? -8.660  -1.267  -6.042  1.00 11.88 ? 32  THR A CG2 1 
ATOM   289 N N   . ARG A 1 37 ? -7.999  0.117   -2.005  1.00 8.57  ? 33  ARG A N   1 
ATOM   290 C CA  . ARG A 1 37 ? -8.052  0.029   -0.560  1.00 10.09 ? 33  ARG A CA  1 
ATOM   291 C C   . ARG A 1 37 ? -7.860  -1.410  -0.070  1.00 8.68  ? 33  ARG A C   1 
ATOM   292 O O   . ARG A 1 37 ? -7.027  -1.683  0.802   1.00 8.57  ? 33  ARG A O   1 
ATOM   293 C CB  . ARG A 1 37 ? -9.397  0.571   -0.097  1.00 12.27 ? 33  ARG A CB  1 
ATOM   294 C CG  . ARG A 1 37 ? -9.632  0.429   1.364   1.00 14.58 ? 33  ARG A CG  1 
ATOM   295 C CD  . ARG A 1 37 ? -10.996 0.948   1.758   1.00 14.80 ? 33  ARG A CD  1 
ATOM   296 N NE  . ARG A 1 37 ? -11.096 0.930   3.208   1.00 19.07 ? 33  ARG A NE  1 
ATOM   297 C CZ  . ARG A 1 37 ? -11.438 -0.139  3.914   1.00 17.12 ? 33  ARG A CZ  1 
ATOM   298 N NH1 . ARG A 1 37 ? -11.744 -1.264  3.303   1.00 12.12 ? 33  ARG A NH1 1 
ATOM   299 N NH2 . ARG A 1 37 ? -11.484 -0.077  5.235   1.00 21.65 ? 33  ARG A NH2 1 
ATOM   300 N N   . ASN A 1 38 ? -8.612  -2.342  -0.643  1.00 7.52  ? 34  ASN A N   1 
ATOM   301 C CA  . ASN A 1 38 ? -8.520  -3.722  -0.197  1.00 7.96  ? 34  ASN A CA  1 
ATOM   302 C C   . ASN A 1 38 ? -7.167  -4.354  -0.492  1.00 8.50  ? 34  ASN A C   1 
ATOM   303 O O   . ASN A 1 38 ? -6.692  -5.187  0.279   1.00 8.14  ? 34  ASN A O   1 
ATOM   304 C CB  . ASN A 1 38 ? -9.641  -4.562  -0.810  1.00 9.06  ? 34  ASN A CB  1 
ATOM   305 C CG  . ASN A 1 38 ? -10.993 -4.280  -0.179  1.00 9.16  ? 34  ASN A CG  1 
ATOM   306 O OD1 . ASN A 1 38 ? -11.102 -3.499  0.769   1.00 9.53  ? 34  ASN A OD1 1 
ATOM   307 N ND2 . ASN A 1 38 ? -12.031 -4.915  -0.708  1.00 10.16 ? 34  ASN A ND2 1 
ATOM   308 N N   . ALA A 1 39 ? -6.535  -3.953  -1.596  1.00 7.57  ? 35  ALA A N   1 
ATOM   309 C CA  . ALA A 1 39 ? -5.224  -4.497  -1.910  1.00 6.68  ? 35  ALA A CA  1 
ATOM   310 C C   . ALA A 1 39 ? -4.176  -3.972  -0.918  1.00 7.86  ? 35  ALA A C   1 
ATOM   311 O O   . ALA A 1 39 ? -3.265  -4.707  -0.515  1.00 7.85  ? 35  ALA A O   1 
ATOM   312 C CB  . ALA A 1 39 ? -4.835  -4.187  -3.348  1.00 8.83  ? 35  ALA A CB  1 
ATOM   313 N N   . VAL A 1 40 ? -4.323  -2.716  -0.496  1.00 7.08  ? 36  VAL A N   1 
ATOM   314 C CA  . VAL A 1 40 ? -3.468  -2.173  0.555   1.00 7.31  ? 36  VAL A CA  1 
ATOM   315 C C   . VAL A 1 40 ? -3.640  -2.972  1.853   1.00 7.61  ? 36  VAL A C   1 
ATOM   316 O O   . VAL A 1 40 ? -2.664  -3.343  2.501   1.00 7.41  ? 36  VAL A O   1 
ATOM   317 C CB  . VAL A 1 40 ? -3.747  -0.670  0.776   1.00 6.87  ? 36  VAL A CB  1 
ATOM   318 C CG1 . VAL A 1 40 ? -3.133  -0.189  2.077   1.00 7.53  ? 36  VAL A CG1 1 
ATOM   319 C CG2 . VAL A 1 40 ? -3.233  0.148   -0.408  1.00 8.48  ? 36  VAL A CG2 1 
ATOM   320 N N   . ILE A 1 41 ? -4.889  -3.245  2.226   1.00 7.69  ? 37  ILE A N   1 
ATOM   321 C CA  . ILE A 1 41 ? -5.149  -4.042  3.423   1.00 8.73  ? 37  ILE A CA  1 
ATOM   322 C C   . ILE A 1 41 ? -4.469  -5.410  3.340   1.00 7.51  ? 37  ILE A C   1 
ATOM   323 O O   . ILE A 1 41 ? -3.809  -5.847  4.285   1.00 7.22  ? 37  ILE A O   1 
ATOM   324 C CB  . ILE A 1 41 ? -6.665  -4.202  3.682   1.00 7.66  ? 37  ILE A CB  1 
ATOM   325 C CG1 . ILE A 1 41 ? -7.255  -2.851  4.107   1.00 9.60  ? 37  ILE A CG1 1 
ATOM   326 C CG2 . ILE A 1 41 ? -6.927  -5.279  4.742   1.00 9.96  ? 37  ILE A CG2 1 
ATOM   327 C CD1 . ILE A 1 41 ? -8.787  -2.810  4.158   1.00 10.56 ? 37  ILE A CD1 1 
ATOM   328 N N   . GLY A 1 42 ? -4.591  -6.072  2.196   1.00 7.96  ? 38  GLY A N   1 
ATOM   329 C CA  . GLY A 1 42 ? -3.932  -7.349  2.033   1.00 7.96  ? 38  GLY A CA  1 
ATOM   330 C C   . GLY A 1 42 ? -2.431  -7.267  2.233   1.00 7.26  ? 38  GLY A C   1 
ATOM   331 O O   . GLY A 1 42 ? -1.822  -8.157  2.847   1.00 8.51  ? 38  GLY A O   1 
ATOM   332 N N   . LYS A 1 43 ? -1.812  -6.224  1.690   1.00 7.44  ? 39  LYS A N   1 
ATOM   333 C CA  . LYS A 1 43 ? -0.372  -6.047  1.840   1.00 7.61  ? 39  LYS A CA  1 
ATOM   334 C C   . LYS A 1 43 ? 0.027   -5.766  3.289   1.00 6.62  ? 39  LYS A C   1 
ATOM   335 O O   . LYS A 1 43 ? 1.026   -6.300  3.766   1.00 8.64  ? 39  LYS A O   1 
ATOM   336 C CB  . LYS A 1 43 ? 0.132   -4.941  0.904   1.00 8.08  ? 39  LYS A CB  1 
ATOM   337 C CG  . LYS A 1 43 ? 1.637   -4.733  0.919   1.00 7.17  ? 39  LYS A CG  1 
ATOM   338 C CD  . LYS A 1 43 ? 2.394   -5.989  0.532   1.00 8.11  ? 39  LYS A CD  1 
ATOM   339 C CE  . LYS A 1 43 ? 3.868   -5.689  0.341   1.00 8.27  ? 39  LYS A CE  1 
ATOM   340 N NZ  . LYS A 1 43 ? 4.636   -6.928  0.013   1.00 9.82  ? 39  LYS A NZ  1 
ATOM   341 N N   . VAL A 1 44 ? -0.733  -4.913  3.978   1.00 7.18  ? 40  VAL A N   1 
ATOM   342 C CA  . VAL A 1 44 ? -0.526  -4.686  5.412   1.00 8.41  ? 40  VAL A CA  1 
ATOM   343 C C   . VAL A 1 44 ? -0.559  -6.015  6.166   1.00 8.73  ? 40  VAL A C   1 
ATOM   344 O O   . VAL A 1 44 ? 0.286   -6.281  7.029   1.00 10.04 ? 40  VAL A O   1 
ATOM   345 C CB  . VAL A 1 44 ? -1.605  -3.749  5.974   1.00 8.74  ? 40  VAL A CB  1 
ATOM   346 C CG1 . VAL A 1 44 ? -1.592  -3.755  7.495   1.00 10.08 ? 40  VAL A CG1 1 
ATOM   347 C CG2 . VAL A 1 44 ? -1.422  -2.327  5.433   1.00 9.61  ? 40  VAL A CG2 1 
ATOM   348 N N   . HIS A 1 45 ? -1.521  -6.854  5.816   1.00 9.41  ? 41  HIS A N   1 
ATOM   349 C CA  . HIS A 1 45 ? -1.598  -8.179  6.395   1.00 8.77  ? 41  HIS A CA  1 
ATOM   350 C C   . HIS A 1 45 ? -0.346  -9.014  6.126   1.00 10.07 ? 41  HIS A C   1 
ATOM   351 O O   . HIS A 1 45 ? 0.221   -9.611  7.040   1.00 11.07 ? 41  HIS A O   1 
ATOM   352 C CB  . HIS A 1 45 ? -2.836  -8.904  5.874   1.00 12.76 ? 41  HIS A CB  1 
ATOM   353 C CG  . HIS A 1 45 ? -3.063  -10.232 6.516   1.00 16.00 ? 41  HIS A CG  1 
ATOM   354 N ND1 . HIS A 1 45 ? -2.889  -11.424 5.847   1.00 32.77 ? 41  HIS A ND1 1 
ATOM   355 C CD2 . HIS A 1 45 ? -3.439  -10.556 7.776   1.00 19.51 ? 41  HIS A CD2 1 
ATOM   356 C CE1 . HIS A 1 45 ? -3.158  -12.427 6.665   1.00 17.33 ? 41  HIS A CE1 1 
ATOM   357 N NE2 . HIS A 1 45 ? -3.493  -11.928 7.841   1.00 25.83 ? 41  HIS A NE2 1 
ATOM   358 N N   . ARG A 1 46 ? 0.098   -9.061  4.876   1.00 9.72  ? 42  ARG A N   1 
ATOM   359 C CA  . ARG A 1 46 ? 1.282   -9.863  4.548   1.00 10.20 ? 42  ARG A CA  1 
ATOM   360 C C   . ARG A 1 46 ? 2.569   -9.342  5.195   1.00 12.12 ? 42  ARG A C   1 
ATOM   361 O O   . ARG A 1 46 ? 3.491   -10.113 5.473   1.00 12.21 ? 42  ARG A O   1 
ATOM   362 C CB  . ARG A 1 46 ? 1.435   -10.013 3.030   1.00 11.50 ? 42  ARG A CB  1 
ATOM   363 C CG  . ARG A 1 46 ? 0.254   -10.737 2.397   1.00 9.47  ? 42  ARG A CG  1 
ATOM   364 C CD  . ARG A 1 46 ? 0.538   -11.225 0.995   1.00 10.64 ? 42  ARG A CD  1 
ATOM   365 N NE  . ARG A 1 46 ? 0.889   -10.169 0.042   1.00 9.36  ? 42  ARG A NE  1 
ATOM   366 C CZ  . ARG A 1 46 ? 0.024   -9.349  -0.550  1.00 9.72  ? 42  ARG A CZ  1 
ATOM   367 N NH1 . ARG A 1 46 ? 0.480   -8.459  -1.426  1.00 8.62  ? 42  ARG A NH1 1 
ATOM   368 N NH2 . ARG A 1 46 ? -1.271  -9.399  -0.262  1.00 9.42  ? 42  ARG A NH2 1 
ATOM   369 N N   . LEU A 1 47 ? 2.623   -8.037  5.449   1.00 9.99  ? 43  LEU A N   1 
ATOM   370 C CA  . LEU A 1 47 ? 3.768   -7.413  6.113   1.00 10.14 ? 43  LEU A CA  1 
ATOM   371 C C   . LEU A 1 47 ? 3.760   -7.620  7.629   1.00 12.24 ? 43  LEU A C   1 
ATOM   372 O O   . LEU A 1 47 ? 4.752   -7.319  8.308   1.00 15.05 ? 43  LEU A O   1 
ATOM   373 C CB  . LEU A 1 47 ? 3.819   -5.919  5.798   1.00 12.31 ? 43  LEU A CB  1 
ATOM   374 C CG  . LEU A 1 47 ? 4.178   -5.549  4.362   1.00 9.78  ? 43  LEU A CG  1 
ATOM   375 C CD1 . LEU A 1 47 ? 3.948   -4.072  4.145   1.00 10.39 ? 43  LEU A CD1 1 
ATOM   376 C CD2 . LEU A 1 47 ? 5.629   -5.907  4.090   1.00 11.33 ? 43  LEU A CD2 1 
ATOM   377 N N   . GLY A 1 48 ? 2.648   -8.114  8.159   1.00 10.96 ? 44  GLY A N   1 
ATOM   378 C CA  . GLY A 1 48 ? 2.540   -8.353  9.592   1.00 11.58 ? 44  GLY A CA  1 
ATOM   379 C C   . GLY A 1 48 ? 2.315   -7.115  10.442  1.00 12.69 ? 44  GLY A C   1 
ATOM   380 O O   . GLY A 1 48 ? 2.521   -7.148  11.657  1.00 12.62 ? 44  GLY A O   1 
ATOM   381 N N   . LEU A 1 49 ? 1.867   -6.030  9.817   1.00 13.35 ? 45  LEU A N   1 
ATOM   382 C CA  . LEU A 1 49 ? 1.688   -4.751  10.502  1.00 17.29 ? 45  LEU A CA  1 
ATOM   383 C C   . LEU A 1 49 ? 0.391   -4.673  11.302  1.00 22.92 ? 45  LEU A C   1 
ATOM   384 O O   . LEU A 1 49 ? -0.644  -5.172  10.879  1.00 23.46 ? 45  LEU A O   1 
ATOM   385 C CB  . LEU A 1 49 ? 1.752   -3.606  9.493   1.00 17.15 ? 45  LEU A CB  1 
ATOM   386 C CG  . LEU A 1 49 ? 3.133   -3.327  8.910   1.00 14.82 ? 45  LEU A CG  1 
ATOM   387 C CD1 . LEU A 1 49 ? 3.017   -2.418  7.702   1.00 18.82 ? 45  LEU A CD1 1 
ATOM   388 C CD2 . LEU A 1 49 ? 4.058   -2.704  9.955   1.00 17.33 ? 45  LEU A CD2 1 
HETATM 389 O O   . HOH B 2 .  ? -4.691  -9.110  -12.276 1.00 30.13 ? 101 HOH A O   1 
HETATM 390 O O   . HOH B 2 .  ? -1.129  -7.305  9.643   1.00 24.55 ? 102 HOH A O   1 
HETATM 391 O O   . HOH B 2 .  ? -9.561  7.833   4.849   1.00 19.80 ? 103 HOH A O   1 
HETATM 392 O O   . HOH B 2 .  ? 2.728   11.056  7.403   1.00 17.10 ? 104 HOH A O   1 
HETATM 393 O O   . HOH B 2 .  ? 9.083   2.488   5.906   1.00 20.77 ? 105 HOH A O   1 
HETATM 394 O O   . HOH B 2 .  ? 6.933   -5.963  7.868   1.00 26.97 ? 106 HOH A O   1 
HETATM 395 O O   . HOH B 2 .  ? 7.991   2.477   -6.772  1.00 16.83 ? 107 HOH A O   1 
HETATM 396 O O   . HOH B 2 .  ? 9.732   -4.705  -2.429  1.00 29.61 ? 108 HOH A O   1 
HETATM 397 O O   . HOH B 2 .  ? 10.065  9.422   5.767   1.00 18.82 ? 109 HOH A O   1 
HETATM 398 O O   . HOH B 2 .  ? -3.029  3.351   9.875   1.00 12.57 ? 110 HOH A O   1 
HETATM 399 O O   . HOH B 2 .  ? -2.935  -0.157  -11.595 1.00 14.90 ? 111 HOH A O   1 
HETATM 400 O O   . HOH B 2 .  ? -9.593  2.720   4.571   1.00 18.42 ? 112 HOH A O   1 
HETATM 401 O O   . HOH B 2 .  ? -0.393  -3.308  -6.194  1.00 13.07 ? 113 HOH A O   1 
HETATM 402 O O   . HOH B 2 .  ? 4.712   -8.788  1.985   1.00 15.66 ? 114 HOH A O   1 
HETATM 403 O O   . HOH B 2 .  ? -2.240  -2.451  -8.127  1.00 13.81 ? 115 HOH A O   1 
HETATM 404 O O   . HOH B 2 .  ? 2.549   -6.334  14.251  1.00 13.01 ? 116 HOH A O   1 
HETATM 405 O O   . HOH B 2 .  ? 3.744   -12.778 4.997   1.00 26.79 ? 117 HOH A O   1 
HETATM 406 O O   . HOH B 2 .  ? 1.158   9.809   13.260  1.00 17.54 ? 118 HOH A O   1 
HETATM 407 O O   . HOH B 2 .  ? 1.015   -1.273  -4.951  1.00 14.58 ? 119 HOH A O   1 
HETATM 408 O O   . HOH B 2 .  ? -3.225  -4.221  10.925  1.00 20.53 ? 120 HOH A O   1 
HETATM 409 O O   . HOH B 2 .  ? 10.887  -1.308  1.429   1.00 21.31 ? 121 HOH A O   1 
HETATM 410 O O   . HOH B 2 .  ? -0.757  2.464   12.954  1.00 24.75 ? 122 HOH A O   1 
HETATM 411 O O   . HOH B 2 .  ? -2.867  -7.322  -1.453  1.00 11.81 ? 123 HOH A O   1 
HETATM 412 O O   . HOH B 2 .  ? 4.701   4.272   -7.471  1.00 30.18 ? 124 HOH A O   1 
HETATM 413 O O   . HOH B 2 .  ? -5.728  -4.968  -18.797 1.00 24.11 ? 125 HOH A O   1 
HETATM 414 O O   . HOH B 2 .  ? -5.124  4.460   -6.091  1.00 26.47 ? 126 HOH A O   1 
HETATM 415 O O   . HOH B 2 .  ? -4.598  7.674   -6.683  1.00 27.13 ? 127 HOH A O   1 
HETATM 416 O O   . HOH B 2 .  ? -8.636  5.300   -2.123  1.00 23.24 ? 128 HOH A O   1 
HETATM 417 O O   . HOH B 2 .  ? -9.965  1.628   -3.435  1.00 22.89 ? 129 HOH A O   1 
HETATM 418 O O   . HOH B 2 .  ? -5.425  -6.226  -14.577 1.00 20.87 ? 130 HOH A O   1 
HETATM 419 O O   . HOH B 2 .  ? -4.866  5.717   -8.954  1.00 29.69 ? 131 HOH A O   1 
HETATM 420 O O   . HOH B 2 .  ? -10.953 -1.997  -2.326  1.00 14.12 ? 132 HOH A O   1 
HETATM 421 O O   . HOH B 2 .  ? 11.744  0.853   -5.132  1.00 21.38 ? 133 HOH A O   1 
HETATM 422 O O   . HOH B 2 .  ? -10.395 -3.954  -4.381  1.00 19.03 ? 134 HOH A O   1 
HETATM 423 O O   . HOH B 2 .  ? -5.560  -2.979  -6.521  1.00 18.39 ? 135 HOH A O   1 
HETATM 424 O O   . HOH B 2 .  ? -11.131 -6.441  -3.057  1.00 20.74 ? 136 HOH A O   1 
HETATM 425 O O   . HOH B 2 .  ? 12.035  -2.481  -5.705  1.00 24.38 ? 137 HOH A O   1 
HETATM 426 O O   . HOH B 2 .  ? -0.837  5.464   14.354  1.00 20.10 ? 138 HOH A O   1 
HETATM 427 O O   . HOH B 2 .  ? -1.272  -7.387  -3.726  1.00 12.87 ? 139 HOH A O   1 
HETATM 428 O O   . HOH B 2 .  ? 1.377   5.539   -9.201  1.00 32.24 ? 140 HOH A O   1 
HETATM 429 O O   . HOH B 2 .  ? -10.701 3.624   -1.576  1.00 24.32 ? 141 HOH A O   1 
HETATM 430 O O   . HOH B 2 .  ? 11.864  4.960   8.716   1.00 22.48 ? 142 HOH A O   1 
HETATM 431 O O   . HOH B 2 .  ? 13.860  8.323   4.176   1.00 25.56 ? 143 HOH A O   1 
HETATM 432 O O   . HOH B 2 .  ? 10.092  -1.059  4.025   1.00 23.22 ? 144 HOH A O   1 
HETATM 433 O O   . HOH B 2 .  ? -1.953  -5.302  -5.181  1.00 16.16 ? 145 HOH A O   1 
HETATM 434 O O   . HOH B 2 .  ? -6.420  -1.542  -8.855  1.00 24.97 ? 146 HOH A O   1 
HETATM 435 O O   . HOH B 2 .  ? 8.405   3.148   8.691   1.00 22.72 ? 147 HOH A O   1 
HETATM 436 O O   . HOH B 2 .  ? -2.226  -13.475 2.603   1.00 26.61 ? 148 HOH A O   1 
HETATM 437 O O   . HOH B 2 .  ? 3.544   11.775  4.840   1.00 17.38 ? 149 HOH A O   1 
HETATM 438 O O   . HOH B 2 .  ? 0.150   12.044  8.623   1.00 27.76 ? 150 HOH A O   1 
# 
loop_
_pdbx_poly_seq_scheme.asym_id 
_pdbx_poly_seq_scheme.entity_id 
_pdbx_poly_seq_scheme.seq_id 
_pdbx_poly_seq_scheme.mon_id 
_pdbx_poly_seq_scheme.ndb_seq_num 
_pdbx_poly_seq_scheme.pdb_seq_num 
_pdbx_poly_seq_scheme.auth_seq_num 
_pdbx_poly_seq_scheme.pdb_mon_id 
_pdbx_poly_seq_scheme.auth_mon_id 
_pdbx_poly_seq_scheme.pdb_strand_id 
_pdbx_poly_seq_scheme.pdb_ins_code 
_pdbx_poly_seq_scheme.hetero 
A 1 1  GLY 1  -3 -3 GLY GLY A . n 
A 1 2  ALA 2  -2 -2 ALA ALA A . n 
A 1 3  MET 3  -1 -1 MET MET A . n 
A 1 4  ASP 4  0  0  ASP ASP A . n 
A 1 5  MET 5  1  1  MET MET A . n 
A 1 6  SER 6  2  2  SER SER A . n 
A 1 7  TRP 7  3  3  TRP TRP A . n 
A 1 8  THR 8  4  4  THR THR A . n 
A 1 9  ASP 9  5  5  ASP ASP A . n 
A 1 10 GLU 10 6  6  GLU GLU A . n 
A 1 11 ARG 11 7  7  ARG ARG A . n 
A 1 12 VAL 12 8  8  VAL VAL A . n 
A 1 13 SER 13 9  9  SER SER A . n 
A 1 14 THR 14 10 10 THR THR A . n 
A 1 15 LEU 15 11 11 LEU LEU A . n 
A 1 16 LYS 16 12 12 LYS LYS A . n 
A 1 17 LYS 17 13 13 LYS LYS A . n 
A 1 18 LEU 18 14 14 LEU LEU A . n 
A 1 19 TRP 19 15 15 TRP TRP A . n 
A 1 20 LEU 20 16 16 LEU LEU A . n 
A 1 21 ASP 21 17 17 ASP ASP A . n 
A 1 22 GLY 22 18 18 GLY GLY A . n 
A 1 23 LEU 23 19 19 LEU LEU A . n 
A 1 24 SER 24 20 20 SER SER A . n 
A 1 25 ALA 25 21 21 ALA ALA A . n 
A 1 26 SER 26 22 22 SER SER A . n 
A 1 27 GLN 27 23 23 GLN GLN A . n 
A 1 28 ILE 28 24 24 ILE ILE A . n 
A 1 29 ALA 29 25 25 ALA ALA A . n 
A 1 30 LYS 30 26 26 LYS LYS A . n 
A 1 31 GLN 31 27 27 GLN GLN A . n 
A 1 32 LEU 32 28 28 LEU LEU A . n 
A 1 33 GLY 33 29 29 GLY GLY A . n 
A 1 34 GLY 34 30 30 GLY GLY A . n 
A 1 35 VAL 35 31 31 VAL VAL A . n 
A 1 36 THR 36 32 32 THR THR A . n 
A 1 37 ARG 37 33 33 ARG ARG A . n 
A 1 38 ASN 38 34 34 ASN ASN A . n 
A 1 39 ALA 39 35 35 ALA ALA A . n 
A 1 40 VAL 40 36 36 VAL VAL A . n 
A 1 41 ILE 41 37 37 ILE ILE A . n 
A 1 42 GLY 42 38 38 GLY GLY A . n 
A 1 43 LYS 43 39 39 LYS LYS A . n 
A 1 44 VAL 44 40 40 VAL VAL A . n 
A 1 45 HIS 45 41 41 HIS HIS A . n 
A 1 46 ARG 46 42 42 ARG ARG A . n 
A 1 47 LEU 47 43 43 LEU LEU A . n 
A 1 48 GLY 48 44 44 GLY GLY A . n 
A 1 49 LEU 49 45 45 LEU LEU A . n 
# 
loop_
_pdbx_nonpoly_scheme.asym_id 
_pdbx_nonpoly_scheme.entity_id 
_pdbx_nonpoly_scheme.mon_id 
_pdbx_nonpoly_scheme.ndb_seq_num 
_pdbx_nonpoly_scheme.pdb_seq_num 
_pdbx_nonpoly_scheme.auth_seq_num 
_pdbx_nonpoly_scheme.pdb_mon_id 
_pdbx_nonpoly_scheme.auth_mon_id 
_pdbx_nonpoly_scheme.pdb_strand_id 
_pdbx_nonpoly_scheme.pdb_ins_code 
B 2 HOH 1  101 44 HOH HOH A . 
B 2 HOH 2  102 37 HOH HOH A . 
B 2 HOH 3  103 19 HOH HOH A . 
B 2 HOH 4  104 10 HOH HOH A . 
B 2 HOH 5  105 41 HOH HOH A . 
B 2 HOH 6  106 30 HOH HOH A . 
B 2 HOH 7  107 17 HOH HOH A . 
B 2 HOH 8  108 33 HOH HOH A . 
B 2 HOH 9  109 5  HOH HOH A . 
B 2 HOH 10 110 3  HOH HOH A . 
B 2 HOH 11 111 18 HOH HOH A . 
B 2 HOH 12 112 15 HOH HOH A . 
B 2 HOH 13 113 6  HOH HOH A . 
B 2 HOH 14 114 14 HOH HOH A . 
B 2 HOH 15 115 8  HOH HOH A . 
B 2 HOH 16 116 13 HOH HOH A . 
B 2 HOH 17 117 29 HOH HOH A . 
B 2 HOH 18 118 11 HOH HOH A . 
B 2 HOH 19 119 1  HOH HOH A . 
B 2 HOH 20 120 27 HOH HOH A . 
B 2 HOH 21 121 21 HOH HOH A . 
B 2 HOH 22 122 57 HOH HOH A . 
B 2 HOH 23 123 2  HOH HOH A . 
B 2 HOH 24 124 56 HOH HOH A . 
B 2 HOH 25 125 34 HOH HOH A . 
B 2 HOH 26 126 43 HOH HOH A . 
B 2 HOH 27 127 35 HOH HOH A . 
B 2 HOH 28 128 23 HOH HOH A . 
B 2 HOH 29 129 26 HOH HOH A . 
B 2 HOH 30 130 40 HOH HOH A . 
B 2 HOH 31 131 42 HOH HOH A . 
B 2 HOH 32 132 7  HOH HOH A . 
B 2 HOH 33 133 24 HOH HOH A . 
B 2 HOH 34 134 12 HOH HOH A . 
B 2 HOH 35 135 9  HOH HOH A . 
B 2 HOH 36 136 38 HOH HOH A . 
B 2 HOH 37 137 20 HOH HOH A . 
B 2 HOH 38 138 22 HOH HOH A . 
B 2 HOH 39 139 4  HOH HOH A . 
B 2 HOH 40 140 48 HOH HOH A . 
B 2 HOH 41 141 31 HOH HOH A . 
B 2 HOH 42 142 78 HOH HOH A . 
B 2 HOH 43 143 46 HOH HOH A . 
B 2 HOH 44 144 28 HOH HOH A . 
B 2 HOH 45 145 16 HOH HOH A . 
B 2 HOH 46 146 55 HOH HOH A . 
B 2 HOH 47 147 50 HOH HOH A . 
B 2 HOH 48 148 36 HOH HOH A . 
B 2 HOH 49 149 25 HOH HOH A . 
B 2 HOH 50 150 32 HOH HOH A . 
# 
_pdbx_struct_assembly.id                   1 
_pdbx_struct_assembly.details              author_and_software_defined_assembly 
_pdbx_struct_assembly.method_details       PISA 
_pdbx_struct_assembly.oligomeric_details   monomeric 
_pdbx_struct_assembly.oligomeric_count     1 
# 
_pdbx_struct_assembly_gen.assembly_id       1 
_pdbx_struct_assembly_gen.oper_expression   1 
_pdbx_struct_assembly_gen.asym_id_list      A,B 
# 
loop_
_pdbx_struct_assembly_prop.biol_id 
_pdbx_struct_assembly_prop.type 
_pdbx_struct_assembly_prop.value 
_pdbx_struct_assembly_prop.details 
1 'ABSA (A^2)' 0    ? 
1 MORE         0    ? 
1 'SSA (A^2)'  3580 ? 
# 
_pdbx_struct_oper_list.id                   1 
_pdbx_struct_oper_list.type                 'identity operation' 
_pdbx_struct_oper_list.name                 1_555 
_pdbx_struct_oper_list.symmetry_operation   x,y,z 
_pdbx_struct_oper_list.matrix[1][1]         1.0000000000 
_pdbx_struct_oper_list.matrix[1][2]         0.0000000000 
_pdbx_struct_oper_list.matrix[1][3]         0.0000000000 
_pdbx_struct_oper_list.vector[1]            0.0000000000 
_pdbx_struct_oper_list.matrix[2][1]         0.0000000000 
_pdbx_struct_oper_list.matrix[2][2]         1.0000000000 
_pdbx_struct_oper_list.matrix[2][3]         0.0000000000 
_pdbx_struct_oper_list.vector[2]            0.0000000000 
_pdbx_struct_oper_list.matrix[3][1]         0.0000000000 
_pdbx_struct_oper_list.matrix[3][2]         0.0000000000 
_pdbx_struct_oper_list.matrix[3][3]         1.0000000000 
_pdbx_struct_oper_list.vector[3]            0.0000000000 
# 
loop_
_pdbx_audit_revision_history.ordinal 
_pdbx_audit_revision_history.data_content_type 
_pdbx_audit_revision_history.major_revision 
_pdbx_audit_revision_history.minor_revision 
_pdbx_audit_revision_history.revision_date 
1 'Structure model' 1 0 2018-03-21 
2 'Structure model' 1 1 2018-04-18 
3 'Structure model' 1 2 2023-11-22 
# 
_pdbx_audit_revision_details.ordinal             1 
_pdbx_audit_revision_details.revision_ordinal    1 
_pdbx_audit_revision_details.data_content_type   'Structure model' 
_pdbx_audit_revision_details.provider            repository 
_pdbx_audit_revision_details.type                'Initial release' 
_pdbx_audit_revision_details.description         ? 
_pdbx_audit_revision_details.details             ? 
# 
loop_
_pdbx_audit_revision_group.ordinal 
_pdbx_audit_revision_group.revision_ordinal 
_pdbx_audit_revision_group.data_content_type 
_pdbx_audit_revision_group.group 
1 2 'Structure model' 'Data collection'        
2 2 'Structure model' 'Database references'    
3 3 'Structure model' 'Data collection'        
4 3 'Structure model' 'Database references'    
5 3 'Structure model' 'Refinement description' 
# 
loop_
_pdbx_audit_revision_category.ordinal 
_pdbx_audit_revision_category.revision_ordinal 
_pdbx_audit_revision_category.data_content_type 
_pdbx_audit_revision_category.category 
1 2 'Structure model' citation                      
2 3 'Structure model' chem_comp_atom                
3 3 'Structure model' chem_comp_bond                
4 3 'Structure model' database_2                    
5 3 'Structure model' pdbx_initial_refinement_model 
# 
loop_
_pdbx_audit_revision_item.ordinal 
_pdbx_audit_revision_item.revision_ordinal 
_pdbx_audit_revision_item.data_content_type 
_pdbx_audit_revision_item.item 
1 2 'Structure model' '_citation.journal_volume'            
2 2 'Structure model' '_citation.page_first'                
3 2 'Structure model' '_citation.page_last'                 
4 3 'Structure model' '_database_2.pdbx_DOI'                
5 3 'Structure model' '_database_2.pdbx_database_accession' 
# 
loop_
_software.citation_id 
_software.classification 
_software.compiler_name 
_software.compiler_version 
_software.contact_author 
_software.contact_author_email 
_software.date 
_software.description 
_software.dependencies 
_software.hardware 
_software.language 
_software.location 
_software.mods 
_software.name 
_software.os 
_software.os_version 
_software.type 
_software.version 
_software.pdbx_ordinal 
? refinement       ? ? ? ? ? ? ? ? ? ? ? PHENIX   ? ? ? 1.9_1692 1 
? 'data reduction' ? ? ? ? ? ? ? ? ? ? ? HKL-2000 ? ? ? .        2 
? 'data scaling'   ? ? ? ? ? ? ? ? ? ? ? HKL-2000 ? ? ? .        3 
? phasing          ? ? ? ? ? ? ? ? ? ? ? BALBES   ? ? ? .        4 
# 
loop_
_chem_comp_atom.comp_id 
_chem_comp_atom.atom_id 
_chem_comp_atom.type_symbol 
_chem_comp_atom.pdbx_aromatic_flag 
_chem_comp_atom.pdbx_stereo_config 
_chem_comp_atom.pdbx_ordinal 
ALA N    N N N 1   
ALA CA   C N S 2   
ALA C    C N N 3   
ALA O    O N N 4   
ALA CB   C N N 5   
ALA OXT  O N N 6   
ALA H    H N N 7   
ALA H2   H N N 8   
ALA HA   H N N 9   
ALA HB1  H N N 10  
ALA HB2  H N N 11  
ALA HB3  H N N 12  
ALA HXT  H N N 13  
ARG N    N N N 14  
ARG CA   C N S 15  
ARG C    C N N 16  
ARG O    O N N 17  
ARG CB   C N N 18  
ARG CG   C N N 19  
ARG CD   C N N 20  
ARG NE   N N N 21  
ARG CZ   C N N 22  
ARG NH1  N N N 23  
ARG NH2  N N N 24  
ARG OXT  O N N 25  
ARG H    H N N 26  
ARG H2   H N N 27  
ARG HA   H N N 28  
ARG HB2  H N N 29  
ARG HB3  H N N 30  
ARG HG2  H N N 31  
ARG HG3  H N N 32  
ARG HD2  H N N 33  
ARG HD3  H N N 34  
ARG HE   H N N 35  
ARG HH11 H N N 36  
ARG HH12 H N N 37  
ARG HH21 H N N 38  
ARG HH22 H N N 39  
ARG HXT  H N N 40  
ASN N    N N N 41  
ASN CA   C N S 42  
ASN C    C N N 43  
ASN O    O N N 44  
ASN CB   C N N 45  
ASN CG   C N N 46  
ASN OD1  O N N 47  
ASN ND2  N N N 48  
ASN OXT  O N N 49  
ASN H    H N N 50  
ASN H2   H N N 51  
ASN HA   H N N 52  
ASN HB2  H N N 53  
ASN HB3  H N N 54  
ASN HD21 H N N 55  
ASN HD22 H N N 56  
ASN HXT  H N N 57  
ASP N    N N N 58  
ASP CA   C N S 59  
ASP C    C N N 60  
ASP O    O N N 61  
ASP CB   C N N 62  
ASP CG   C N N 63  
ASP OD1  O N N 64  
ASP OD2  O N N 65  
ASP OXT  O N N 66  
ASP H    H N N 67  
ASP H2   H N N 68  
ASP HA   H N N 69  
ASP HB2  H N N 70  
ASP HB3  H N N 71  
ASP HD2  H N N 72  
ASP HXT  H N N 73  
GLN N    N N N 74  
GLN CA   C N S 75  
GLN C    C N N 76  
GLN O    O N N 77  
GLN CB   C N N 78  
GLN CG   C N N 79  
GLN CD   C N N 80  
GLN OE1  O N N 81  
GLN NE2  N N N 82  
GLN OXT  O N N 83  
GLN H    H N N 84  
GLN H2   H N N 85  
GLN HA   H N N 86  
GLN HB2  H N N 87  
GLN HB3  H N N 88  
GLN HG2  H N N 89  
GLN HG3  H N N 90  
GLN HE21 H N N 91  
GLN HE22 H N N 92  
GLN HXT  H N N 93  
GLU N    N N N 94  
GLU CA   C N S 95  
GLU C    C N N 96  
GLU O    O N N 97  
GLU CB   C N N 98  
GLU CG   C N N 99  
GLU CD   C N N 100 
GLU OE1  O N N 101 
GLU OE2  O N N 102 
GLU OXT  O N N 103 
GLU H    H N N 104 
GLU H2   H N N 105 
GLU HA   H N N 106 
GLU HB2  H N N 107 
GLU HB3  H N N 108 
GLU HG2  H N N 109 
GLU HG3  H N N 110 
GLU HE2  H N N 111 
GLU HXT  H N N 112 
GLY N    N N N 113 
GLY CA   C N N 114 
GLY C    C N N 115 
GLY O    O N N 116 
GLY OXT  O N N 117 
GLY H    H N N 118 
GLY H2   H N N 119 
GLY HA2  H N N 120 
GLY HA3  H N N 121 
GLY HXT  H N N 122 
HIS N    N N N 123 
HIS CA   C N S 124 
HIS C    C N N 125 
HIS O    O N N 126 
HIS CB   C N N 127 
HIS CG   C Y N 128 
HIS ND1  N Y N 129 
HIS CD2  C Y N 130 
HIS CE1  C Y N 131 
HIS NE2  N Y N 132 
HIS OXT  O N N 133 
HIS H    H N N 134 
HIS H2   H N N 135 
HIS HA   H N N 136 
HIS HB2  H N N 137 
HIS HB3  H N N 138 
HIS HD1  H N N 139 
HIS HD2  H N N 140 
HIS HE1  H N N 141 
HIS HE2  H N N 142 
HIS HXT  H N N 143 
HOH O    O N N 144 
HOH H1   H N N 145 
HOH H2   H N N 146 
ILE N    N N N 147 
ILE CA   C N S 148 
ILE C    C N N 149 
ILE O    O N N 150 
ILE CB   C N S 151 
ILE CG1  C N N 152 
ILE CG2  C N N 153 
ILE CD1  C N N 154 
ILE OXT  O N N 155 
ILE H    H N N 156 
ILE H2   H N N 157 
ILE HA   H N N 158 
ILE HB   H N N 159 
ILE HG12 H N N 160 
ILE HG13 H N N 161 
ILE HG21 H N N 162 
ILE HG22 H N N 163 
ILE HG23 H N N 164 
ILE HD11 H N N 165 
ILE HD12 H N N 166 
ILE HD13 H N N 167 
ILE HXT  H N N 168 
LEU N    N N N 169 
LEU CA   C N S 170 
LEU C    C N N 171 
LEU O    O N N 172 
LEU CB   C N N 173 
LEU CG   C N N 174 
LEU CD1  C N N 175 
LEU CD2  C N N 176 
LEU OXT  O N N 177 
LEU H    H N N 178 
LEU H2   H N N 179 
LEU HA   H N N 180 
LEU HB2  H N N 181 
LEU HB3  H N N 182 
LEU HG   H N N 183 
LEU HD11 H N N 184 
LEU HD12 H N N 185 
LEU HD13 H N N 186 
LEU HD21 H N N 187 
LEU HD22 H N N 188 
LEU HD23 H N N 189 
LEU HXT  H N N 190 
LYS N    N N N 191 
LYS CA   C N S 192 
LYS C    C N N 193 
LYS O    O N N 194 
LYS CB   C N N 195 
LYS CG   C N N 196 
LYS CD   C N N 197 
LYS CE   C N N 198 
LYS NZ   N N N 199 
LYS OXT  O N N 200 
LYS H    H N N 201 
LYS H2   H N N 202 
LYS HA   H N N 203 
LYS HB2  H N N 204 
LYS HB3  H N N 205 
LYS HG2  H N N 206 
LYS HG3  H N N 207 
LYS HD2  H N N 208 
LYS HD3  H N N 209 
LYS HE2  H N N 210 
LYS HE3  H N N 211 
LYS HZ1  H N N 212 
LYS HZ2  H N N 213 
LYS HZ3  H N N 214 
LYS HXT  H N N 215 
MET N    N N N 216 
MET CA   C N S 217 
MET C    C N N 218 
MET O    O N N 219 
MET CB   C N N 220 
MET CG   C N N 221 
MET SD   S N N 222 
MET CE   C N N 223 
MET OXT  O N N 224 
MET H    H N N 225 
MET H2   H N N 226 
MET HA   H N N 227 
MET HB2  H N N 228 
MET HB3  H N N 229 
MET HG2  H N N 230 
MET HG3  H N N 231 
MET HE1  H N N 232 
MET HE2  H N N 233 
MET HE3  H N N 234 
MET HXT  H N N 235 
SER N    N N N 236 
SER CA   C N S 237 
SER C    C N N 238 
SER O    O N N 239 
SER CB   C N N 240 
SER OG   O N N 241 
SER OXT  O N N 242 
SER H    H N N 243 
SER H2   H N N 244 
SER HA   H N N 245 
SER HB2  H N N 246 
SER HB3  H N N 247 
SER HG   H N N 248 
SER HXT  H N N 249 
THR N    N N N 250 
THR CA   C N S 251 
THR C    C N N 252 
THR O    O N N 253 
THR CB   C N R 254 
THR OG1  O N N 255 
THR CG2  C N N 256 
THR OXT  O N N 257 
THR H    H N N 258 
THR H2   H N N 259 
THR HA   H N N 260 
THR HB   H N N 261 
THR HG1  H N N 262 
THR HG21 H N N 263 
THR HG22 H N N 264 
THR HG23 H N N 265 
THR HXT  H N N 266 
TRP N    N N N 267 
TRP CA   C N S 268 
TRP C    C N N 269 
TRP O    O N N 270 
TRP CB   C N N 271 
TRP CG   C Y N 272 
TRP CD1  C Y N 273 
TRP CD2  C Y N 274 
TRP NE1  N Y N 275 
TRP CE2  C Y N 276 
TRP CE3  C Y N 277 
TRP CZ2  C Y N 278 
TRP CZ3  C Y N 279 
TRP CH2  C Y N 280 
TRP OXT  O N N 281 
TRP H    H N N 282 
TRP H2   H N N 283 
TRP HA   H N N 284 
TRP HB2  H N N 285 
TRP HB3  H N N 286 
TRP HD1  H N N 287 
TRP HE1  H N N 288 
TRP HE3  H N N 289 
TRP HZ2  H N N 290 
TRP HZ3  H N N 291 
TRP HH2  H N N 292 
TRP HXT  H N N 293 
VAL N    N N N 294 
VAL CA   C N S 295 
VAL C    C N N 296 
VAL O    O N N 297 
VAL CB   C N N 298 
VAL CG1  C N N 299 
VAL CG2  C N N 300 
VAL OXT  O N N 301 
VAL H    H N N 302 
VAL H2   H N N 303 
VAL HA   H N N 304 
VAL HB   H N N 305 
VAL HG11 H N N 306 
VAL HG12 H N N 307 
VAL HG13 H N N 308 
VAL HG21 H N N 309 
VAL HG22 H N N 310 
VAL HG23 H N N 311 
VAL HXT  H N N 312 
# 
loop_
_chem_comp_bond.comp_id 
_chem_comp_bond.atom_id_1 
_chem_comp_bond.atom_id_2 
_chem_comp_bond.value_order 
_chem_comp_bond.pdbx_aromatic_flag 
_chem_comp_bond.pdbx_stereo_config 
_chem_comp_bond.pdbx_ordinal 
ALA N   CA   sing N N 1   
ALA N   H    sing N N 2   
ALA N   H2   sing N N 3   
ALA CA  C    sing N N 4   
ALA CA  CB   sing N N 5   
ALA CA  HA   sing N N 6   
ALA C   O    doub N N 7   
ALA C   OXT  sing N N 8   
ALA CB  HB1  sing N N 9   
ALA CB  HB2  sing N N 10  
ALA CB  HB3  sing N N 11  
ALA OXT HXT  sing N N 12  
ARG N   CA   sing N N 13  
ARG N   H    sing N N 14  
ARG N   H2   sing N N 15  
ARG CA  C    sing N N 16  
ARG CA  CB   sing N N 17  
ARG CA  HA   sing N N 18  
ARG C   O    doub N N 19  
ARG C   OXT  sing N N 20  
ARG CB  CG   sing N N 21  
ARG CB  HB2  sing N N 22  
ARG CB  HB3  sing N N 23  
ARG CG  CD   sing N N 24  
ARG CG  HG2  sing N N 25  
ARG CG  HG3  sing N N 26  
ARG CD  NE   sing N N 27  
ARG CD  HD2  sing N N 28  
ARG CD  HD3  sing N N 29  
ARG NE  CZ   sing N N 30  
ARG NE  HE   sing N N 31  
ARG CZ  NH1  sing N N 32  
ARG CZ  NH2  doub N N 33  
ARG NH1 HH11 sing N N 34  
ARG NH1 HH12 sing N N 35  
ARG NH2 HH21 sing N N 36  
ARG NH2 HH22 sing N N 37  
ARG OXT HXT  sing N N 38  
ASN N   CA   sing N N 39  
ASN N   H    sing N N 40  
ASN N   H2   sing N N 41  
ASN CA  C    sing N N 42  
ASN CA  CB   sing N N 43  
ASN CA  HA   sing N N 44  
ASN C   O    doub N N 45  
ASN C   OXT  sing N N 46  
ASN CB  CG   sing N N 47  
ASN CB  HB2  sing N N 48  
ASN CB  HB3  sing N N 49  
ASN CG  OD1  doub N N 50  
ASN CG  ND2  sing N N 51  
ASN ND2 HD21 sing N N 52  
ASN ND2 HD22 sing N N 53  
ASN OXT HXT  sing N N 54  
ASP N   CA   sing N N 55  
ASP N   H    sing N N 56  
ASP N   H2   sing N N 57  
ASP CA  C    sing N N 58  
ASP CA  CB   sing N N 59  
ASP CA  HA   sing N N 60  
ASP C   O    doub N N 61  
ASP C   OXT  sing N N 62  
ASP CB  CG   sing N N 63  
ASP CB  HB2  sing N N 64  
ASP CB  HB3  sing N N 65  
ASP CG  OD1  doub N N 66  
ASP CG  OD2  sing N N 67  
ASP OD2 HD2  sing N N 68  
ASP OXT HXT  sing N N 69  
GLN N   CA   sing N N 70  
GLN N   H    sing N N 71  
GLN N   H2   sing N N 72  
GLN CA  C    sing N N 73  
GLN CA  CB   sing N N 74  
GLN CA  HA   sing N N 75  
GLN C   O    doub N N 76  
GLN C   OXT  sing N N 77  
GLN CB  CG   sing N N 78  
GLN CB  HB2  sing N N 79  
GLN CB  HB3  sing N N 80  
GLN CG  CD   sing N N 81  
GLN CG  HG2  sing N N 82  
GLN CG  HG3  sing N N 83  
GLN CD  OE1  doub N N 84  
GLN CD  NE2  sing N N 85  
GLN NE2 HE21 sing N N 86  
GLN NE2 HE22 sing N N 87  
GLN OXT HXT  sing N N 88  
GLU N   CA   sing N N 89  
GLU N   H    sing N N 90  
GLU N   H2   sing N N 91  
GLU CA  C    sing N N 92  
GLU CA  CB   sing N N 93  
GLU CA  HA   sing N N 94  
GLU C   O    doub N N 95  
GLU C   OXT  sing N N 96  
GLU CB  CG   sing N N 97  
GLU CB  HB2  sing N N 98  
GLU CB  HB3  sing N N 99  
GLU CG  CD   sing N N 100 
GLU CG  HG2  sing N N 101 
GLU CG  HG3  sing N N 102 
GLU CD  OE1  doub N N 103 
GLU CD  OE2  sing N N 104 
GLU OE2 HE2  sing N N 105 
GLU OXT HXT  sing N N 106 
GLY N   CA   sing N N 107 
GLY N   H    sing N N 108 
GLY N   H2   sing N N 109 
GLY CA  C    sing N N 110 
GLY CA  HA2  sing N N 111 
GLY CA  HA3  sing N N 112 
GLY C   O    doub N N 113 
GLY C   OXT  sing N N 114 
GLY OXT HXT  sing N N 115 
HIS N   CA   sing N N 116 
HIS N   H    sing N N 117 
HIS N   H2   sing N N 118 
HIS CA  C    sing N N 119 
HIS CA  CB   sing N N 120 
HIS CA  HA   sing N N 121 
HIS C   O    doub N N 122 
HIS C   OXT  sing N N 123 
HIS CB  CG   sing N N 124 
HIS CB  HB2  sing N N 125 
HIS CB  HB3  sing N N 126 
HIS CG  ND1  sing Y N 127 
HIS CG  CD2  doub Y N 128 
HIS ND1 CE1  doub Y N 129 
HIS ND1 HD1  sing N N 130 
HIS CD2 NE2  sing Y N 131 
HIS CD2 HD2  sing N N 132 
HIS CE1 NE2  sing Y N 133 
HIS CE1 HE1  sing N N 134 
HIS NE2 HE2  sing N N 135 
HIS OXT HXT  sing N N 136 
HOH O   H1   sing N N 137 
HOH O   H2   sing N N 138 
ILE N   CA   sing N N 139 
ILE N   H    sing N N 140 
ILE N   H2   sing N N 141 
ILE CA  C    sing N N 142 
ILE CA  CB   sing N N 143 
ILE CA  HA   sing N N 144 
ILE C   O    doub N N 145 
ILE C   OXT  sing N N 146 
ILE CB  CG1  sing N N 147 
ILE CB  CG2  sing N N 148 
ILE CB  HB   sing N N 149 
ILE CG1 CD1  sing N N 150 
ILE CG1 HG12 sing N N 151 
ILE CG1 HG13 sing N N 152 
ILE CG2 HG21 sing N N 153 
ILE CG2 HG22 sing N N 154 
ILE CG2 HG23 sing N N 155 
ILE CD1 HD11 sing N N 156 
ILE CD1 HD12 sing N N 157 
ILE CD1 HD13 sing N N 158 
ILE OXT HXT  sing N N 159 
LEU N   CA   sing N N 160 
LEU N   H    sing N N 161 
LEU N   H2   sing N N 162 
LEU CA  C    sing N N 163 
LEU CA  CB   sing N N 164 
LEU CA  HA   sing N N 165 
LEU C   O    doub N N 166 
LEU C   OXT  sing N N 167 
LEU CB  CG   sing N N 168 
LEU CB  HB2  sing N N 169 
LEU CB  HB3  sing N N 170 
LEU CG  CD1  sing N N 171 
LEU CG  CD2  sing N N 172 
LEU CG  HG   sing N N 173 
LEU CD1 HD11 sing N N 174 
LEU CD1 HD12 sing N N 175 
LEU CD1 HD13 sing N N 176 
LEU CD2 HD21 sing N N 177 
LEU CD2 HD22 sing N N 178 
LEU CD2 HD23 sing N N 179 
LEU OXT HXT  sing N N 180 
LYS N   CA   sing N N 181 
LYS N   H    sing N N 182 
LYS N   H2   sing N N 183 
LYS CA  C    sing N N 184 
LYS CA  CB   sing N N 185 
LYS CA  HA   sing N N 186 
LYS C   O    doub N N 187 
LYS C   OXT  sing N N 188 
LYS CB  CG   sing N N 189 
LYS CB  HB2  sing N N 190 
LYS CB  HB3  sing N N 191 
LYS CG  CD   sing N N 192 
LYS CG  HG2  sing N N 193 
LYS CG  HG3  sing N N 194 
LYS CD  CE   sing N N 195 
LYS CD  HD2  sing N N 196 
LYS CD  HD3  sing N N 197 
LYS CE  NZ   sing N N 198 
LYS CE  HE2  sing N N 199 
LYS CE  HE3  sing N N 200 
LYS NZ  HZ1  sing N N 201 
LYS NZ  HZ2  sing N N 202 
LYS NZ  HZ3  sing N N 203 
LYS OXT HXT  sing N N 204 
MET N   CA   sing N N 205 
MET N   H    sing N N 206 
MET N   H2   sing N N 207 
MET CA  C    sing N N 208 
MET CA  CB   sing N N 209 
MET CA  HA   sing N N 210 
MET C   O    doub N N 211 
MET C   OXT  sing N N 212 
MET CB  CG   sing N N 213 
MET CB  HB2  sing N N 214 
MET CB  HB3  sing N N 215 
MET CG  SD   sing N N 216 
MET CG  HG2  sing N N 217 
MET CG  HG3  sing N N 218 
MET SD  CE   sing N N 219 
MET CE  HE1  sing N N 220 
MET CE  HE2  sing N N 221 
MET CE  HE3  sing N N 222 
MET OXT HXT  sing N N 223 
SER N   CA   sing N N 224 
SER N   H    sing N N 225 
SER N   H2   sing N N 226 
SER CA  C    sing N N 227 
SER CA  CB   sing N N 228 
SER CA  HA   sing N N 229 
SER C   O    doub N N 230 
SER C   OXT  sing N N 231 
SER CB  OG   sing N N 232 
SER CB  HB2  sing N N 233 
SER CB  HB3  sing N N 234 
SER OG  HG   sing N N 235 
SER OXT HXT  sing N N 236 
THR N   CA   sing N N 237 
THR N   H    sing N N 238 
THR N   H2   sing N N 239 
THR CA  C    sing N N 240 
THR CA  CB   sing N N 241 
THR CA  HA   sing N N 242 
THR C   O    doub N N 243 
THR C   OXT  sing N N 244 
THR CB  OG1  sing N N 245 
THR CB  CG2  sing N N 246 
THR CB  HB   sing N N 247 
THR OG1 HG1  sing N N 248 
THR CG2 HG21 sing N N 249 
THR CG2 HG22 sing N N 250 
THR CG2 HG23 sing N N 251 
THR OXT HXT  sing N N 252 
TRP N   CA   sing N N 253 
TRP N   H    sing N N 254 
TRP N   H2   sing N N 255 
TRP CA  C    sing N N 256 
TRP CA  CB   sing N N 257 
TRP CA  HA   sing N N 258 
TRP C   O    doub N N 259 
TRP C   OXT  sing N N 260 
TRP CB  CG   sing N N 261 
TRP CB  HB2  sing N N 262 
TRP CB  HB3  sing N N 263 
TRP CG  CD1  doub Y N 264 
TRP CG  CD2  sing Y N 265 
TRP CD1 NE1  sing Y N 266 
TRP CD1 HD1  sing N N 267 
TRP CD2 CE2  doub Y N 268 
TRP CD2 CE3  sing Y N 269 
TRP NE1 CE2  sing Y N 270 
TRP NE1 HE1  sing N N 271 
TRP CE2 CZ2  sing Y N 272 
TRP CE3 CZ3  doub Y N 273 
TRP CE3 HE3  sing N N 274 
TRP CZ2 CH2  doub Y N 275 
TRP CZ2 HZ2  sing N N 276 
TRP CZ3 CH2  sing Y N 277 
TRP CZ3 HZ3  sing N N 278 
TRP CH2 HH2  sing N N 279 
TRP OXT HXT  sing N N 280 
VAL N   CA   sing N N 281 
VAL N   H    sing N N 282 
VAL N   H2   sing N N 283 
VAL CA  C    sing N N 284 
VAL CA  CB   sing N N 285 
VAL CA  HA   sing N N 286 
VAL C   O    doub N N 287 
VAL C   OXT  sing N N 288 
VAL CB  CG1  sing N N 289 
VAL CB  CG2  sing N N 290 
VAL CB  HB   sing N N 291 
VAL CG1 HG11 sing N N 292 
VAL CG1 HG12 sing N N 293 
VAL CG1 HG13 sing N N 294 
VAL CG2 HG21 sing N N 295 
VAL CG2 HG22 sing N N 296 
VAL CG2 HG23 sing N N 297 
VAL OXT HXT  sing N N 298 
# 
_pdbx_audit_support.funding_organization   'National Natural Science Foundation of China' 
_pdbx_audit_support.country                China 
_pdbx_audit_support.grant_number           31670067 
_pdbx_audit_support.ordinal                1 
# 
_pdbx_entity_nonpoly.entity_id   2 
_pdbx_entity_nonpoly.name        water 
_pdbx_entity_nonpoly.comp_id     HOH 
# 
_pdbx_initial_refinement_model.id               1 
_pdbx_initial_refinement_model.entity_id_list   ? 
_pdbx_initial_refinement_model.type             'experimental model' 
_pdbx_initial_refinement_model.source_name      PDB 
_pdbx_initial_refinement_model.accession_code   1GV2 
_pdbx_initial_refinement_model.details          ? 
# 
_pdbx_struct_assembly_auth_evidence.id                     1 
_pdbx_struct_assembly_auth_evidence.assembly_id            1 
_pdbx_struct_assembly_auth_evidence.experimental_support   'gel filtration' 
_pdbx_struct_assembly_auth_evidence.details                ? 
# 
